data_3RNZ
#
_entry.id   3RNZ
#
_cell.length_a   289.890
_cell.length_b   45.360
_cell.length_c   68.090
_cell.angle_alpha   90.00
_cell.angle_beta   91.34
_cell.angle_gamma   90.00
#
_symmetry.space_group_name_H-M   'C 1 2 1'
#
loop_
_entity.id
_entity.type
_entity.pdbx_description
1 polymer 'Pyrrolidone-carboxylate peptidase'
2 water water
#
_entity_poly.entity_id   1
_entity_poly.type   'polypeptide(L)'
_entity_poly.pdbx_seq_one_letter_code
;MEKKVLLTGFDPFGGETVNPSWEAVKRLNGAAEGPASIVSEQVPTVFYKSLAVLREAMKKHQPDIIICVGQAGGRMQITP
ERVAINLNEARIPDNEGNQPVGEDISQGGPAAYWTGLPIKRIVEEIKKEGIPAAVSYTAGTFVCNHLFYGLMDEISRHHP
HIRGGFIHIPYIPEQTLQKSAPSLSLDHITKALKIAAVTAAAHEDDIETGGGELHLEHHHHHH
;
_entity_poly.pdbx_strand_id   A,B,C,D
#
# COMPACT_ATOMS: atom_id res chain seq x y z
N GLU A 2 -26.74 -26.81 -22.04
CA GLU A 2 -25.29 -26.51 -22.12
C GLU A 2 -25.20 -25.04 -22.52
N LYS A 3 -24.18 -24.34 -22.04
CA LYS A 3 -24.03 -22.95 -22.39
C LYS A 3 -22.62 -22.81 -22.93
N LYS A 4 -22.42 -22.11 -24.04
CA LYS A 4 -21.06 -21.94 -24.51
C LYS A 4 -20.50 -20.62 -23.92
N VAL A 5 -19.38 -20.74 -23.21
CA VAL A 5 -18.76 -19.57 -22.56
C VAL A 5 -17.47 -19.19 -23.28
N LEU A 6 -17.45 -18.00 -23.87
CA LEU A 6 -16.25 -17.53 -24.53
C LEU A 6 -15.45 -16.76 -23.48
N LEU A 7 -14.20 -17.15 -23.25
CA LEU A 7 -13.31 -16.39 -22.37
C LEU A 7 -12.24 -15.72 -23.24
N THR A 8 -11.84 -14.49 -22.90
CA THR A 8 -10.75 -13.88 -23.65
C THR A 8 -9.69 -13.41 -22.65
N GLY A 9 -8.43 -13.43 -23.11
CA GLY A 9 -7.29 -12.97 -22.33
C GLY A 9 -6.41 -12.10 -23.26
N PHE A 10 -5.76 -11.10 -22.70
CA PHE A 10 -4.89 -10.22 -23.48
C PHE A 10 -3.48 -10.74 -23.61
N ASP A 11 -2.79 -10.28 -24.65
CA ASP A 11 -1.38 -10.62 -24.82
C ASP A 11 -0.55 -9.71 -23.89
N PRO A 12 0.77 -9.97 -23.75
CA PRO A 12 1.66 -9.18 -22.89
C PRO A 12 1.68 -7.73 -23.31
N PHE A 13 1.76 -6.79 -22.34
CA PHE A 13 1.81 -5.39 -22.72
C PHE A 13 2.73 -4.60 -21.81
N GLY A 14 2.99 -3.36 -22.21
CA GLY A 14 3.88 -2.52 -21.44
C GLY A 14 5.20 -3.27 -21.65
N GLY A 15 5.94 -3.48 -20.60
CA GLY A 15 7.15 -4.23 -20.84
C GLY A 15 7.03 -5.67 -20.34
N GLU A 16 5.83 -6.20 -20.15
CA GLU A 16 5.75 -7.58 -19.65
C GLU A 16 6.07 -8.57 -20.77
N THR A 17 6.41 -9.81 -20.37
CA THR A 17 6.68 -10.86 -21.31
C THR A 17 5.56 -11.89 -21.15
N VAL A 18 4.74 -11.74 -20.12
CA VAL A 18 3.60 -12.66 -19.99
C VAL A 18 2.38 -11.87 -19.53
N ASN A 19 1.21 -12.42 -19.79
CA ASN A 19 -0.02 -11.80 -19.34
C ASN A 19 -0.83 -12.93 -18.71
N PRO A 20 -1.03 -12.86 -17.38
CA PRO A 20 -1.79 -13.90 -16.73
C PRO A 20 -3.22 -14.09 -17.23
N SER A 21 -3.84 -13.05 -17.81
CA SER A 21 -5.23 -13.19 -18.28
C SER A 21 -5.25 -14.21 -19.43
N TRP A 22 -4.35 -14.07 -20.39
CA TRP A 22 -4.26 -15.08 -21.47
C TRP A 22 -3.73 -16.42 -20.90
N GLU A 23 -2.67 -16.40 -20.08
CA GLU A 23 -2.18 -17.70 -19.57
C GLU A 23 -3.28 -18.49 -18.88
N ALA A 24 -4.11 -17.80 -18.10
CA ALA A 24 -5.16 -18.53 -17.41
C ALA A 24 -6.30 -18.94 -18.31
N VAL A 25 -6.76 -18.05 -19.21
CA VAL A 25 -7.89 -18.49 -20.04
C VAL A 25 -7.44 -19.55 -21.05
N LYS A 26 -6.18 -19.49 -21.47
CA LYS A 26 -5.64 -20.47 -22.43
C LYS A 26 -5.76 -21.88 -21.81
N ARG A 27 -5.54 -22.00 -20.51
CA ARG A 27 -5.66 -23.30 -19.82
C ARG A 27 -7.07 -23.85 -19.78
N LEU A 28 -8.06 -22.96 -19.83
CA LEU A 28 -9.44 -23.39 -19.76
C LEU A 28 -10.11 -23.67 -21.11
N ASN A 29 -9.41 -23.42 -22.21
CA ASN A 29 -9.99 -23.71 -23.53
C ASN A 29 -10.39 -25.19 -23.52
N GLY A 30 -11.59 -25.50 -23.98
CA GLY A 30 -12.03 -26.89 -23.97
C GLY A 30 -12.51 -27.47 -22.64
N ALA A 31 -12.46 -26.71 -21.55
CA ALA A 31 -12.92 -27.28 -20.27
C ALA A 31 -14.43 -27.24 -20.22
N ALA A 32 -15.02 -28.25 -19.58
CA ALA A 32 -16.46 -28.27 -19.46
C ALA A 32 -16.73 -28.69 -18.04
N GLU A 33 -17.74 -28.10 -17.43
CA GLU A 33 -18.12 -28.47 -16.07
C GLU A 33 -19.56 -28.03 -15.88
N GLY A 34 -20.42 -28.94 -15.43
CA GLY A 34 -21.80 -28.61 -15.21
C GLY A 34 -22.39 -28.04 -16.49
N PRO A 35 -23.11 -26.92 -16.40
CA PRO A 35 -23.73 -26.30 -17.57
C PRO A 35 -22.74 -25.53 -18.49
N ALA A 36 -21.46 -25.51 -18.15
CA ALA A 36 -20.53 -24.75 -18.97
C ALA A 36 -19.55 -25.51 -19.85
N SER A 37 -19.39 -25.02 -21.08
CA SER A 37 -18.42 -25.52 -22.05
C SER A 37 -17.61 -24.28 -22.48
N ILE A 38 -16.31 -24.32 -22.23
CA ILE A 38 -15.47 -23.14 -22.45
C ILE A 38 -14.59 -23.14 -23.67
N VAL A 39 -14.54 -21.98 -24.34
CA VAL A 39 -13.67 -21.77 -25.47
C VAL A 39 -12.90 -20.49 -25.15
N SER A 40 -11.61 -20.42 -25.52
CA SER A 40 -10.81 -19.22 -25.18
C SER A 40 -10.14 -18.60 -26.39
N GLU A 41 -10.02 -17.26 -26.41
CA GLU A 41 -9.38 -16.56 -27.53
C GLU A 41 -8.53 -15.46 -26.97
N GLN A 42 -7.41 -15.19 -27.62
CA GLN A 42 -6.54 -14.12 -27.13
C GLN A 42 -6.89 -12.82 -27.87
N VAL A 43 -6.80 -11.69 -27.17
CA VAL A 43 -7.10 -10.39 -27.76
C VAL A 43 -5.83 -9.54 -27.61
N PRO A 44 -5.46 -8.76 -28.64
CA PRO A 44 -4.25 -7.92 -28.58
C PRO A 44 -4.46 -6.71 -27.68
N THR A 45 -3.43 -6.32 -26.94
CA THR A 45 -3.58 -5.14 -26.08
C THR A 45 -3.39 -3.88 -26.96
N VAL A 46 -4.39 -3.65 -27.82
CA VAL A 46 -4.40 -2.56 -28.77
C VAL A 46 -5.81 -1.98 -28.85
N PHE A 47 -5.91 -0.67 -28.72
CA PHE A 47 -7.21 -0.01 -28.85
C PHE A 47 -7.73 -0.28 -30.28
N TYR A 48 -9.04 -0.43 -30.40
CA TYR A 48 -9.78 -0.59 -31.66
C TYR A 48 -9.60 -1.98 -32.23
N LYS A 49 -8.37 -2.35 -32.49
CA LYS A 49 -8.09 -3.68 -32.98
C LYS A 49 -8.61 -4.77 -32.01
N SER A 50 -8.51 -4.56 -30.70
CA SER A 50 -9.01 -5.56 -29.73
C SER A 50 -10.52 -5.83 -29.92
N LEU A 51 -11.28 -4.79 -30.24
CA LEU A 51 -12.74 -4.92 -30.43
C LEU A 51 -13.05 -5.70 -31.73
N ALA A 52 -12.26 -5.47 -32.77
CA ALA A 52 -12.48 -6.20 -34.03
C ALA A 52 -12.19 -7.70 -33.78
N VAL A 53 -11.17 -7.99 -32.98
CA VAL A 53 -10.81 -9.38 -32.72
C VAL A 53 -11.88 -10.06 -31.87
N LEU A 54 -12.45 -9.31 -30.94
CA LEU A 54 -13.53 -9.87 -30.14
C LEU A 54 -14.73 -10.13 -31.04
N ARG A 55 -15.03 -9.22 -31.98
CA ARG A 55 -16.19 -9.43 -32.85
C ARG A 55 -15.97 -10.69 -33.68
N GLU A 56 -14.75 -10.92 -34.11
CA GLU A 56 -14.45 -12.14 -34.89
C GLU A 56 -14.65 -13.38 -34.01
N ALA A 57 -14.23 -13.31 -32.74
CA ALA A 57 -14.39 -14.47 -31.87
C ALA A 57 -15.88 -14.70 -31.61
N MET A 58 -16.63 -13.62 -31.48
CA MET A 58 -18.06 -13.73 -31.24
C MET A 58 -18.77 -14.41 -32.41
N LYS A 59 -18.33 -14.10 -33.64
CA LYS A 59 -18.92 -14.68 -34.85
C LYS A 59 -18.49 -16.15 -34.98
N LYS A 60 -17.23 -16.43 -34.68
CA LYS A 60 -16.69 -17.77 -34.76
C LYS A 60 -17.39 -18.70 -33.77
N HIS A 61 -17.50 -18.26 -32.53
CA HIS A 61 -18.03 -19.13 -31.52
C HIS A 61 -19.51 -19.07 -31.14
N GLN A 62 -20.22 -18.01 -31.52
CA GLN A 62 -21.66 -17.86 -31.15
C GLN A 62 -21.88 -18.20 -29.69
N PRO A 63 -21.10 -17.56 -28.78
CA PRO A 63 -21.27 -17.88 -27.36
C PRO A 63 -22.52 -17.38 -26.70
N ASP A 64 -22.95 -18.08 -25.64
CA ASP A 64 -24.09 -17.63 -24.81
C ASP A 64 -23.57 -16.65 -23.72
N ILE A 65 -22.33 -16.89 -23.26
CA ILE A 65 -21.73 -16.07 -22.20
C ILE A 65 -20.35 -15.63 -22.62
N ILE A 66 -19.98 -14.40 -22.26
CA ILE A 66 -18.65 -13.90 -22.63
C ILE A 66 -18.01 -13.30 -21.40
N ILE A 67 -16.80 -13.76 -21.07
CA ILE A 67 -16.13 -13.17 -19.93
C ILE A 67 -14.79 -12.74 -20.43
N CYS A 68 -14.60 -11.43 -20.53
CA CYS A 68 -13.31 -10.90 -20.97
C CYS A 68 -12.46 -10.74 -19.71
N VAL A 69 -11.20 -11.21 -19.75
CA VAL A 69 -10.33 -11.12 -18.59
C VAL A 69 -9.09 -10.24 -18.87
N GLY A 70 -8.59 -9.56 -17.85
CA GLY A 70 -7.45 -8.69 -18.05
C GLY A 70 -6.62 -8.60 -16.78
N GLN A 71 -5.39 -8.12 -16.95
CA GLN A 71 -4.46 -8.00 -15.83
C GLN A 71 -4.61 -6.66 -15.09
N ALA A 72 -4.74 -6.68 -13.75
CA ALA A 72 -4.83 -5.42 -12.97
C ALA A 72 -3.69 -5.53 -11.94
N GLY A 73 -2.50 -5.15 -12.37
CA GLY A 73 -1.35 -5.25 -11.48
C GLY A 73 -1.50 -4.38 -10.26
N GLY A 74 -1.27 -4.95 -9.08
CA GLY A 74 -1.43 -4.17 -7.85
C GLY A 74 -2.65 -4.70 -7.08
N ARG A 75 -3.62 -5.30 -7.75
CA ARG A 75 -4.76 -5.84 -7.02
C ARG A 75 -4.40 -7.15 -6.30
N MET A 76 -5.20 -7.52 -5.31
CA MET A 76 -4.90 -8.67 -4.44
C MET A 76 -6.00 -9.70 -4.48
N GLN A 77 -7.01 -9.43 -5.28
CA GLN A 77 -8.17 -10.34 -5.36
C GLN A 77 -8.60 -10.49 -6.82
N ILE A 78 -9.40 -11.54 -7.10
CA ILE A 78 -10.01 -11.71 -8.43
C ILE A 78 -11.11 -10.61 -8.37
N THR A 79 -11.18 -9.74 -9.35
CA THR A 79 -12.20 -8.69 -9.32
C THR A 79 -13.14 -8.50 -10.53
N PRO A 80 -14.32 -9.12 -10.47
CA PRO A 80 -15.30 -8.94 -11.56
C PRO A 80 -15.66 -7.41 -11.53
N GLU A 81 -15.82 -6.81 -12.71
CA GLU A 81 -16.13 -5.36 -12.83
C GLU A 81 -17.62 -5.09 -12.96
N ARG A 82 -18.11 -4.15 -12.18
CA ARG A 82 -19.53 -3.78 -12.26
C ARG A 82 -19.84 -2.86 -13.44
N VAL A 83 -18.89 -1.98 -13.80
CA VAL A 83 -19.19 -0.98 -14.82
C VAL A 83 -18.07 -0.58 -15.79
N ALA A 84 -18.47 -0.43 -17.05
CA ALA A 84 -17.60 -0.05 -18.17
C ALA A 84 -17.92 1.37 -18.53
N ILE A 85 -16.91 2.23 -18.70
CA ILE A 85 -17.17 3.62 -19.05
C ILE A 85 -16.68 3.96 -20.50
N ASN A 86 -17.41 4.87 -21.12
CA ASN A 86 -17.21 5.32 -22.51
C ASN A 86 -16.05 6.30 -22.66
N LEU A 87 -14.84 5.81 -22.37
CA LEU A 87 -13.69 6.69 -22.41
C LEU A 87 -12.38 5.95 -22.58
N ASN A 88 -11.57 6.38 -23.54
CA ASN A 88 -10.23 5.83 -23.76
C ASN A 88 -9.33 6.94 -23.19
N GLU A 89 -8.60 6.65 -22.10
CA GLU A 89 -7.72 7.62 -21.51
C GLU A 89 -6.49 6.80 -21.13
N ALA A 90 -5.53 6.76 -22.03
CA ALA A 90 -4.34 5.93 -21.87
C ALA A 90 -3.13 6.59 -21.16
N ARG A 91 -2.74 6.03 -20.03
CA ARG A 91 -1.61 6.54 -19.27
C ARG A 91 -0.29 6.10 -19.95
N ILE A 92 -0.32 5.00 -20.71
CA ILE A 92 0.87 4.55 -21.47
C ILE A 92 0.35 4.17 -22.87
N PRO A 93 1.25 4.05 -23.88
CA PRO A 93 0.76 3.68 -25.21
C PRO A 93 0.36 2.17 -25.22
N ASP A 94 -0.53 1.80 -26.13
CA ASP A 94 -0.91 0.42 -26.26
C ASP A 94 0.20 -0.32 -27.05
N ASN A 95 -0.02 -1.58 -27.42
CA ASN A 95 1.04 -2.31 -28.10
C ASN A 95 1.40 -1.82 -29.50
N GLU A 96 0.60 -0.94 -30.09
CA GLU A 96 1.01 -0.47 -31.41
C GLU A 96 1.30 1.01 -31.34
N GLY A 97 1.40 1.54 -30.14
CA GLY A 97 1.72 2.95 -29.98
C GLY A 97 0.55 3.93 -29.81
N ASN A 98 -0.69 3.46 -29.87
CA ASN A 98 -1.79 4.42 -29.68
C ASN A 98 -1.87 4.83 -28.20
N GLN A 99 -2.17 6.11 -27.95
CA GLN A 99 -2.28 6.62 -26.58
C GLN A 99 -3.39 7.67 -26.57
N PRO A 100 -4.65 7.22 -26.80
CA PRO A 100 -5.81 8.10 -26.82
C PRO A 100 -6.01 8.81 -25.50
N VAL A 101 -6.54 10.02 -25.57
CA VAL A 101 -6.79 10.78 -24.37
C VAL A 101 -8.12 11.50 -24.59
N GLY A 102 -8.99 11.45 -23.60
CA GLY A 102 -10.26 12.14 -23.68
C GLY A 102 -11.10 11.67 -24.86
N GLU A 103 -10.99 10.41 -25.23
CA GLU A 103 -11.70 9.91 -26.39
C GLU A 103 -12.91 9.03 -26.12
N ASP A 104 -14.03 9.32 -26.79
CA ASP A 104 -15.24 8.49 -26.65
C ASP A 104 -14.94 7.11 -27.23
N ILE A 105 -15.52 6.04 -26.68
CA ILE A 105 -15.31 4.73 -27.32
C ILE A 105 -16.47 4.59 -28.35
N SER A 106 -17.67 5.05 -27.98
CA SER A 106 -18.80 5.04 -28.88
C SER A 106 -19.34 6.47 -28.87
N GLN A 107 -19.21 7.15 -30.01
CA GLN A 107 -19.68 8.54 -30.11
C GLN A 107 -21.19 8.44 -29.93
N GLY A 108 -21.72 9.21 -29.00
CA GLY A 108 -23.16 9.11 -28.79
C GLY A 108 -23.62 7.89 -28.00
N GLY A 109 -22.70 7.02 -27.56
CA GLY A 109 -23.16 5.86 -26.79
C GLY A 109 -23.37 6.32 -25.35
N PRO A 110 -23.91 5.47 -24.46
CA PRO A 110 -24.10 5.88 -23.07
C PRO A 110 -22.77 6.06 -22.34
N ALA A 111 -22.78 6.89 -21.30
CA ALA A 111 -21.58 7.15 -20.51
C ALA A 111 -21.03 5.83 -19.95
N ALA A 112 -21.93 4.88 -19.63
CA ALA A 112 -21.51 3.63 -19.07
C ALA A 112 -22.44 2.48 -19.39
N TYR A 113 -21.93 1.25 -19.25
CA TYR A 113 -22.73 0.05 -19.40
C TYR A 113 -22.45 -0.77 -18.16
N TRP A 114 -23.50 -1.38 -17.58
CA TRP A 114 -23.32 -2.24 -16.42
C TRP A 114 -22.94 -3.61 -16.96
N THR A 115 -22.25 -4.40 -16.14
CA THR A 115 -21.88 -5.76 -16.54
C THR A 115 -23.17 -6.57 -16.70
N GLY A 116 -23.13 -7.61 -17.52
CA GLY A 116 -24.28 -8.47 -17.69
C GLY A 116 -24.07 -9.81 -16.97
N LEU A 117 -23.00 -9.94 -16.18
CA LEU A 117 -22.72 -11.18 -15.46
C LEU A 117 -23.22 -11.12 -14.01
N PRO A 118 -23.49 -12.29 -13.41
CA PRO A 118 -23.97 -12.33 -12.00
C PRO A 118 -22.72 -12.21 -11.15
N ILE A 119 -22.13 -11.01 -11.08
CA ILE A 119 -20.85 -10.92 -10.38
C ILE A 119 -20.89 -11.12 -8.86
N LYS A 120 -22.02 -10.87 -8.19
CA LYS A 120 -21.99 -11.09 -6.72
C LYS A 120 -21.92 -12.57 -6.43
N ARG A 121 -22.66 -13.33 -7.22
CA ARG A 121 -22.65 -14.80 -7.14
C ARG A 121 -21.23 -15.30 -7.43
N ILE A 122 -20.62 -14.74 -8.46
CA ILE A 122 -19.28 -15.15 -8.85
C ILE A 122 -18.28 -14.89 -7.72
N VAL A 123 -18.27 -13.69 -7.16
CA VAL A 123 -17.34 -13.38 -6.05
C VAL A 123 -17.62 -14.40 -4.89
N GLU A 124 -18.91 -14.66 -4.58
CA GLU A 124 -19.14 -15.59 -3.48
C GLU A 124 -18.68 -17.02 -3.75
N GLU A 125 -18.91 -17.53 -4.96
CA GLU A 125 -18.49 -18.88 -5.30
C GLU A 125 -16.97 -18.98 -5.31
N ILE A 126 -16.29 -17.89 -5.72
CA ILE A 126 -14.84 -17.95 -5.71
C ILE A 126 -14.30 -17.99 -4.24
N LYS A 127 -14.83 -17.13 -3.37
CA LYS A 127 -14.40 -17.10 -1.98
C LYS A 127 -14.72 -18.44 -1.32
N LYS A 128 -15.77 -19.12 -1.76
CA LYS A 128 -16.11 -20.42 -1.17
C LYS A 128 -15.00 -21.39 -1.41
N GLU A 129 -14.29 -21.22 -2.51
CA GLU A 129 -13.17 -22.08 -2.79
C GLU A 129 -11.85 -21.60 -2.13
N GLY A 130 -11.89 -20.55 -1.32
CA GLY A 130 -10.68 -20.12 -0.63
C GLY A 130 -9.84 -19.12 -1.41
N ILE A 131 -10.44 -18.48 -2.42
CA ILE A 131 -9.71 -17.54 -3.26
C ILE A 131 -10.35 -16.18 -3.04
N PRO A 132 -9.53 -15.14 -2.75
CA PRO A 132 -10.07 -13.79 -2.52
C PRO A 132 -10.68 -13.18 -3.77
N ALA A 133 -11.79 -12.49 -3.58
CA ALA A 133 -12.45 -11.87 -4.71
C ALA A 133 -13.36 -10.76 -4.19
N ALA A 134 -13.59 -9.73 -5.02
CA ALA A 134 -14.46 -8.61 -4.65
C ALA A 134 -14.93 -7.92 -5.92
N VAL A 135 -16.06 -7.23 -5.85
CA VAL A 135 -16.54 -6.48 -6.98
C VAL A 135 -15.66 -5.21 -7.07
N SER A 136 -15.30 -4.80 -8.30
CA SER A 136 -14.57 -3.57 -8.56
C SER A 136 -15.56 -2.65 -9.31
N TYR A 137 -15.44 -1.34 -9.07
CA TYR A 137 -16.32 -0.33 -9.67
C TYR A 137 -15.55 0.58 -10.69
N THR A 138 -14.33 0.20 -10.98
CA THR A 138 -13.64 0.88 -12.07
C THR A 138 -12.74 -0.11 -12.74
N ALA A 139 -12.86 -0.22 -14.05
CA ALA A 139 -12.00 -1.16 -14.80
C ALA A 139 -10.90 -0.34 -15.49
N GLY A 140 -10.66 0.88 -15.03
CA GLY A 140 -9.61 1.68 -15.61
C GLY A 140 -10.11 2.41 -16.86
N THR A 141 -9.19 2.91 -17.68
CA THR A 141 -9.53 3.66 -18.89
C THR A 141 -8.56 3.25 -20.01
N PHE A 142 -7.92 2.09 -19.83
CA PHE A 142 -6.96 1.53 -20.79
C PHE A 142 -7.70 0.51 -21.71
N VAL A 143 -6.96 -0.45 -22.27
CA VAL A 143 -7.57 -1.35 -23.23
C VAL A 143 -8.57 -2.31 -22.59
N CYS A 144 -8.38 -2.63 -21.31
CA CYS A 144 -9.30 -3.55 -20.63
C CYS A 144 -10.70 -2.95 -20.55
N ASN A 145 -10.79 -1.72 -20.06
CA ASN A 145 -12.08 -1.07 -19.98
C ASN A 145 -12.66 -0.83 -21.40
N HIS A 146 -11.77 -0.56 -22.36
CA HIS A 146 -12.17 -0.32 -23.78
C HIS A 146 -12.94 -1.57 -24.29
N LEU A 147 -12.30 -2.72 -24.09
CA LEU A 147 -12.86 -4.01 -24.49
C LEU A 147 -14.18 -4.28 -23.75
N PHE A 148 -14.20 -4.02 -22.44
CA PHE A 148 -15.39 -4.22 -21.61
C PHE A 148 -16.56 -3.34 -22.13
N TYR A 149 -16.29 -2.05 -22.38
CA TYR A 149 -17.32 -1.15 -22.90
C TYR A 149 -17.74 -1.62 -24.32
N GLY A 150 -16.80 -1.91 -25.20
CA GLY A 150 -17.11 -2.40 -26.53
C GLY A 150 -17.97 -3.67 -26.56
N LEU A 151 -17.67 -4.55 -25.62
CA LEU A 151 -18.40 -5.81 -25.49
C LEU A 151 -19.86 -5.51 -25.10
N MET A 152 -20.05 -4.66 -24.08
CA MET A 152 -21.42 -4.39 -23.62
C MET A 152 -22.20 -3.60 -24.69
N ASP A 153 -21.52 -2.78 -25.49
CA ASP A 153 -22.16 -2.00 -26.53
C ASP A 153 -22.61 -2.97 -27.65
N GLU A 154 -21.72 -3.89 -28.03
CA GLU A 154 -21.97 -4.89 -29.04
C GLU A 154 -23.19 -5.78 -28.64
N ILE A 155 -23.23 -6.16 -27.38
CA ILE A 155 -24.32 -6.96 -26.83
C ILE A 155 -25.65 -6.19 -26.87
N SER A 156 -25.64 -4.97 -26.35
CA SER A 156 -26.85 -4.13 -26.28
C SER A 156 -27.43 -3.88 -27.66
N ARG A 157 -26.56 -3.57 -28.61
CA ARG A 157 -27.02 -3.26 -29.96
C ARG A 157 -27.32 -4.43 -30.87
N HIS A 158 -26.51 -5.48 -30.77
CA HIS A 158 -26.67 -6.56 -31.73
C HIS A 158 -26.89 -7.95 -31.22
N HIS A 159 -26.57 -8.23 -29.96
CA HIS A 159 -26.73 -9.59 -29.43
C HIS A 159 -27.14 -9.54 -27.98
N PRO A 160 -28.32 -8.97 -27.74
CA PRO A 160 -28.76 -8.87 -26.36
C PRO A 160 -28.98 -10.18 -25.63
N HIS A 161 -28.99 -11.32 -26.35
CA HIS A 161 -29.15 -12.59 -25.65
C HIS A 161 -27.89 -12.93 -24.83
N ILE A 162 -26.76 -12.36 -25.23
CA ILE A 162 -25.51 -12.69 -24.52
C ILE A 162 -25.36 -12.09 -23.13
N ARG A 163 -24.89 -12.89 -22.16
CA ARG A 163 -24.60 -12.41 -20.80
C ARG A 163 -23.09 -12.18 -20.80
N GLY A 164 -22.65 -10.92 -20.77
CA GLY A 164 -21.23 -10.66 -20.88
C GLY A 164 -20.69 -9.71 -19.83
N GLY A 165 -19.36 -9.67 -19.66
CA GLY A 165 -18.80 -8.80 -18.63
C GLY A 165 -17.29 -8.98 -18.62
N PHE A 166 -16.65 -8.43 -17.60
CA PHE A 166 -15.19 -8.40 -17.56
C PHE A 166 -14.71 -8.81 -16.18
N ILE A 167 -13.58 -9.52 -16.10
CA ILE A 167 -13.02 -9.84 -14.78
C ILE A 167 -11.52 -9.47 -14.79
N HIS A 168 -11.09 -8.60 -13.86
CA HIS A 168 -9.67 -8.32 -13.76
C HIS A 168 -9.08 -9.31 -12.79
N ILE A 169 -7.81 -9.62 -12.99
CA ILE A 169 -7.12 -10.55 -12.10
C ILE A 169 -5.73 -9.93 -11.78
N PRO A 170 -5.14 -10.33 -10.66
CA PRO A 170 -3.83 -9.79 -10.26
C PRO A 170 -2.69 -10.32 -11.13
N TYR A 171 -1.53 -9.78 -10.86
CA TYR A 171 -0.30 -10.27 -11.46
C TYR A 171 -0.17 -11.73 -10.97
N ILE A 172 0.65 -12.52 -11.67
CA ILE A 172 1.00 -13.86 -11.19
C ILE A 172 2.38 -13.59 -10.56
N PRO A 173 2.84 -14.46 -9.64
CA PRO A 173 4.13 -14.26 -8.95
C PRO A 173 5.37 -13.96 -9.80
N GLU A 174 5.50 -14.62 -10.94
CA GLU A 174 6.67 -14.42 -11.78
C GLU A 174 6.80 -12.99 -12.33
N GLN A 175 5.74 -12.18 -12.20
CA GLN A 175 5.79 -10.82 -12.67
C GLN A 175 6.22 -9.82 -11.56
N THR A 176 6.41 -10.32 -10.35
CA THR A 176 6.72 -9.42 -9.24
C THR A 176 8.09 -9.72 -8.63
N LEU A 177 9.03 -10.16 -9.47
CA LEU A 177 10.38 -10.54 -8.98
C LEU A 177 11.32 -9.33 -8.84
N GLN A 178 11.09 -8.26 -9.61
CA GLN A 178 11.96 -7.09 -9.57
C GLN A 178 11.41 -6.00 -8.69
N LYS A 179 10.10 -5.92 -8.58
CA LYS A 179 9.48 -4.91 -7.76
C LYS A 179 8.40 -5.62 -6.99
N SER A 180 8.37 -5.46 -5.68
CA SER A 180 7.37 -6.14 -4.87
C SER A 180 5.96 -5.69 -5.19
N ALA A 181 5.11 -6.68 -5.40
CA ALA A 181 3.73 -6.38 -5.64
C ALA A 181 2.91 -7.62 -5.33
N PRO A 182 1.63 -7.42 -5.03
CA PRO A 182 0.80 -8.60 -4.74
C PRO A 182 0.61 -9.43 -6.00
N SER A 183 0.33 -10.71 -5.80
CA SER A 183 0.01 -11.58 -6.92
C SER A 183 -0.89 -12.74 -6.44
N LEU A 184 -1.46 -13.51 -7.38
CA LEU A 184 -2.21 -14.72 -7.06
C LEU A 184 -1.56 -15.76 -7.98
N SER A 185 -1.51 -17.02 -7.57
CA SER A 185 -0.88 -18.03 -8.42
C SER A 185 -1.74 -18.30 -9.67
N LEU A 186 -1.09 -18.67 -10.76
CA LEU A 186 -1.85 -18.99 -11.99
C LEU A 186 -2.84 -20.11 -11.70
N ASP A 187 -2.48 -21.06 -10.83
CA ASP A 187 -3.44 -22.13 -10.55
C ASP A 187 -4.68 -21.57 -9.90
N HIS A 188 -4.50 -20.65 -8.93
CA HIS A 188 -5.66 -20.11 -8.25
C HIS A 188 -6.50 -19.21 -9.21
N ILE A 189 -5.80 -18.45 -10.05
CA ILE A 189 -6.52 -17.56 -10.98
C ILE A 189 -7.32 -18.42 -11.96
N THR A 190 -6.67 -19.46 -12.46
CA THR A 190 -7.36 -20.33 -13.41
C THR A 190 -8.60 -20.97 -12.76
N LYS A 191 -8.46 -21.47 -11.52
CA LYS A 191 -9.62 -22.07 -10.83
C LYS A 191 -10.76 -21.06 -10.63
N ALA A 192 -10.40 -19.83 -10.28
CA ALA A 192 -11.40 -18.78 -10.07
C ALA A 192 -12.14 -18.49 -11.36
N LEU A 193 -11.42 -18.43 -12.49
CA LEU A 193 -12.07 -18.11 -13.74
C LEU A 193 -12.99 -19.25 -14.14
N LYS A 194 -12.59 -20.48 -13.85
CA LYS A 194 -13.43 -21.63 -14.18
C LYS A 194 -14.73 -21.53 -13.36
N ILE A 195 -14.61 -21.21 -12.08
CA ILE A 195 -15.75 -21.03 -11.19
C ILE A 195 -16.63 -19.92 -11.74
N ALA A 196 -16.00 -18.83 -12.20
CA ALA A 196 -16.78 -17.72 -12.75
C ALA A 196 -17.63 -18.17 -13.97
N ALA A 197 -17.00 -18.94 -14.87
CA ALA A 197 -17.70 -19.46 -16.08
C ALA A 197 -18.88 -20.38 -15.71
N VAL A 198 -18.63 -21.35 -14.83
CA VAL A 198 -19.66 -22.28 -14.36
C VAL A 198 -20.83 -21.54 -13.68
N THR A 199 -20.53 -20.60 -12.81
CA THR A 199 -21.55 -19.80 -12.11
C THR A 199 -22.39 -18.99 -13.07
N ALA A 200 -21.73 -18.31 -14.00
CA ALA A 200 -22.47 -17.52 -14.99
C ALA A 200 -23.36 -18.41 -15.83
N ALA A 201 -22.87 -19.60 -16.18
CA ALA A 201 -23.62 -20.54 -16.99
C ALA A 201 -24.80 -21.13 -16.20
N ALA A 202 -24.63 -21.28 -14.89
CA ALA A 202 -25.68 -21.85 -14.07
C ALA A 202 -26.76 -20.84 -13.67
N HIS A 203 -26.45 -19.55 -13.69
CA HIS A 203 -27.45 -18.55 -13.29
C HIS A 203 -27.42 -17.26 -14.09
N GLU A 204 -28.57 -16.87 -14.67
CA GLU A 204 -28.62 -15.61 -15.41
C GLU A 204 -28.75 -14.49 -14.39
N ASP A 205 -29.52 -14.76 -13.34
CA ASP A 205 -29.80 -13.79 -12.26
C ASP A 205 -28.75 -13.75 -11.16
N ASP A 206 -28.37 -12.55 -10.74
CA ASP A 206 -27.41 -12.38 -9.67
C ASP A 206 -28.15 -12.46 -8.34
N ILE A 207 -27.40 -12.48 -7.24
CA ILE A 207 -27.97 -12.48 -5.89
C ILE A 207 -27.73 -11.06 -5.36
N GLU A 208 -28.26 -10.78 -4.17
CA GLU A 208 -28.08 -9.47 -3.52
C GLU A 208 -27.37 -9.56 -2.16
N MET B 1 28.34 -33.53 0.87
CA MET B 1 28.19 -33.69 2.34
C MET B 1 26.72 -33.53 2.72
N GLU B 2 26.11 -34.54 3.31
CA GLU B 2 24.71 -34.39 3.65
C GLU B 2 24.53 -33.41 4.82
N LYS B 3 23.45 -32.64 4.83
CA LYS B 3 23.20 -31.71 5.94
C LYS B 3 21.80 -31.90 6.53
N LYS B 4 21.72 -32.07 7.86
CA LYS B 4 20.40 -32.15 8.48
C LYS B 4 19.87 -30.72 8.70
N VAL B 5 18.73 -30.43 8.12
CA VAL B 5 18.11 -29.12 8.19
C VAL B 5 16.84 -29.20 8.99
N LEU B 6 16.82 -28.48 10.11
CA LEU B 6 15.65 -28.45 10.96
C LEU B 6 14.87 -27.19 10.59
N LEU B 7 13.63 -27.37 10.21
CA LEU B 7 12.70 -26.30 9.87
C LEU B 7 11.68 -26.20 10.99
N THR B 8 11.27 -25.00 11.38
CA THR B 8 10.18 -24.91 12.37
C THR B 8 9.12 -23.96 11.81
N GLY B 9 7.89 -24.18 12.25
CA GLY B 9 6.76 -23.37 11.86
C GLY B 9 5.97 -23.11 13.15
N PHE B 10 5.24 -22.03 13.22
CA PHE B 10 4.45 -21.68 14.40
C PHE B 10 3.01 -22.19 14.33
N ASP B 11 2.37 -22.36 15.48
CA ASP B 11 0.96 -22.70 15.46
C ASP B 11 0.16 -21.43 15.14
N PRO B 12 -1.18 -21.56 14.87
CA PRO B 12 -1.99 -20.38 14.54
C PRO B 12 -2.09 -19.40 15.69
N PHE B 13 -2.19 -18.13 15.34
CA PHE B 13 -2.21 -17.10 16.32
C PHE B 13 -3.11 -15.94 15.91
N GLY B 14 -3.44 -15.08 16.89
CA GLY B 14 -4.25 -13.89 16.65
C GLY B 14 -5.62 -14.02 15.98
N GLY B 15 -6.31 -15.12 16.20
CA GLY B 15 -7.61 -15.26 15.56
C GLY B 15 -7.53 -16.16 14.31
N GLU B 16 -6.33 -16.39 13.79
CA GLU B 16 -6.18 -17.27 12.60
C GLU B 16 -6.42 -18.71 13.04
N THR B 17 -6.76 -19.58 12.09
CA THR B 17 -7.03 -21.00 12.41
C THR B 17 -5.94 -21.88 11.77
N VAL B 18 -5.16 -21.28 10.88
CA VAL B 18 -4.08 -21.97 10.20
C VAL B 18 -2.90 -21.06 10.25
N ASN B 19 -1.69 -21.64 10.18
CA ASN B 19 -0.52 -20.77 10.13
C ASN B 19 0.26 -21.41 8.98
N PRO B 20 0.42 -20.67 7.88
CA PRO B 20 1.14 -21.17 6.71
C PRO B 20 2.58 -21.53 7.03
N SER B 21 3.16 -20.96 8.10
CA SER B 21 4.55 -21.33 8.38
C SER B 21 4.58 -22.81 8.77
N TRP B 22 3.64 -23.27 9.58
CA TRP B 22 3.65 -24.69 9.92
C TRP B 22 3.09 -25.56 8.79
N GLU B 23 2.05 -25.09 8.08
CA GLU B 23 1.45 -25.90 7.00
C GLU B 23 2.50 -26.18 5.93
N ALA B 24 3.37 -25.20 5.69
CA ALA B 24 4.40 -25.38 4.68
C ALA B 24 5.56 -26.25 5.17
N VAL B 25 6.11 -26.02 6.36
CA VAL B 25 7.24 -26.83 6.75
C VAL B 25 6.82 -28.24 7.12
N LYS B 26 5.57 -28.41 7.51
CA LYS B 26 5.08 -29.72 7.85
C LYS B 26 5.21 -30.62 6.61
N ARG B 27 4.87 -30.08 5.43
CA ARG B 27 4.91 -30.86 4.19
C ARG B 27 6.33 -31.31 3.85
N LEU B 28 7.31 -30.63 4.40
CA LEU B 28 8.70 -30.95 4.09
C LEU B 28 9.36 -31.87 5.10
N ASN B 29 8.63 -32.30 6.12
CA ASN B 29 9.24 -33.16 7.12
C ASN B 29 9.66 -34.48 6.45
N GLY B 30 10.91 -34.89 6.61
CA GLY B 30 11.31 -36.13 5.98
C GLY B 30 11.72 -35.98 4.53
N ALA B 31 11.67 -34.77 3.98
CA ALA B 31 12.08 -34.60 2.58
C ALA B 31 13.58 -34.61 2.43
N ALA B 32 14.03 -35.05 1.26
CA ALA B 32 15.45 -35.08 0.98
C ALA B 32 15.61 -34.47 -0.38
N GLU B 33 16.51 -33.49 -0.54
CA GLU B 33 16.70 -32.89 -1.84
C GLU B 33 18.09 -32.35 -1.87
N GLY B 34 18.83 -32.66 -2.94
CA GLY B 34 20.21 -32.27 -3.00
C GLY B 34 20.86 -32.79 -1.72
N PRO B 35 21.77 -32.01 -1.13
CA PRO B 35 22.38 -32.53 0.08
C PRO B 35 21.57 -32.31 1.36
N ALA B 36 20.34 -31.82 1.23
CA ALA B 36 19.54 -31.54 2.41
C ALA B 36 18.64 -32.67 2.79
N SER B 37 18.63 -32.97 4.08
CA SER B 37 17.76 -33.95 4.67
C SER B 37 16.93 -33.08 5.67
N ILE B 38 15.63 -32.95 5.41
CA ILE B 38 14.78 -32.05 6.21
C ILE B 38 13.90 -32.66 7.26
N VAL B 39 13.89 -32.09 8.46
CA VAL B 39 12.98 -32.51 9.50
C VAL B 39 12.23 -31.22 9.98
N SER B 40 10.96 -31.34 10.37
CA SER B 40 10.18 -30.16 10.79
C SER B 40 9.59 -30.32 12.17
N GLU B 41 9.45 -29.22 12.91
CA GLU B 41 8.82 -29.29 14.23
C GLU B 41 7.98 -28.02 14.41
N GLN B 42 6.87 -28.12 15.13
CA GLN B 42 6.04 -26.96 15.37
C GLN B 42 6.46 -26.26 16.67
N VAL B 43 6.41 -24.93 16.66
CA VAL B 43 6.76 -24.14 17.83
C VAL B 43 5.52 -23.32 18.20
N PRO B 44 5.23 -23.20 19.51
CA PRO B 44 4.04 -22.43 19.91
C PRO B 44 4.29 -20.92 19.81
N THR B 45 3.22 -20.16 19.53
CA THR B 45 3.36 -18.72 19.37
C THR B 45 3.22 -18.14 20.76
N VAL B 46 4.27 -18.37 21.54
CA VAL B 46 4.33 -17.98 22.97
C VAL B 46 5.78 -17.61 23.33
N PHE B 47 5.95 -16.45 23.93
CA PHE B 47 7.25 -16.01 24.38
C PHE B 47 7.79 -17.01 25.42
N TYR B 48 9.12 -17.15 25.49
CA TYR B 48 9.83 -18.02 26.46
C TYR B 48 9.67 -19.48 26.12
N LYS B 49 8.45 -19.96 26.18
CA LYS B 49 8.16 -21.34 25.84
C LYS B 49 8.61 -21.68 24.39
N SER B 50 8.49 -20.74 23.44
CA SER B 50 8.88 -21.06 22.07
C SER B 50 10.36 -21.44 21.99
N LEU B 51 11.21 -20.75 22.75
CA LEU B 51 12.64 -21.05 22.74
C LEU B 51 12.91 -22.41 23.41
N ALA B 52 12.16 -22.75 24.46
CA ALA B 52 12.38 -24.03 25.13
C ALA B 52 12.02 -25.12 24.16
N VAL B 53 10.95 -24.94 23.39
CA VAL B 53 10.55 -25.97 22.41
C VAL B 53 11.61 -26.08 21.30
N LEU B 54 12.12 -24.94 20.87
CA LEU B 54 13.19 -24.93 19.86
C LEU B 54 14.40 -25.68 20.43
N ARG B 55 14.76 -25.44 21.70
CA ARG B 55 15.93 -26.16 22.23
C ARG B 55 15.71 -27.68 22.28
N GLU B 56 14.48 -28.10 22.54
CA GLU B 56 14.18 -29.51 22.57
C GLU B 56 14.28 -30.12 21.16
N ALA B 57 13.82 -29.38 20.15
CA ALA B 57 13.91 -29.85 18.77
C ALA B 57 15.38 -29.98 18.33
N MET B 58 16.21 -29.07 18.82
CA MET B 58 17.65 -29.05 18.50
C MET B 58 18.33 -30.27 19.14
N LYS B 59 17.96 -30.56 20.38
CA LYS B 59 18.56 -31.73 21.05
C LYS B 59 18.16 -32.98 20.31
N LYS B 60 16.87 -33.06 20.02
CA LYS B 60 16.32 -34.18 19.32
C LYS B 60 16.93 -34.47 17.95
N HIS B 61 17.12 -33.44 17.12
CA HIS B 61 17.61 -33.65 15.77
C HIS B 61 19.07 -33.38 15.48
N GLN B 62 19.78 -32.73 16.41
CA GLN B 62 21.18 -32.40 16.16
C GLN B 62 21.30 -31.85 14.74
N PRO B 63 20.57 -30.77 14.42
CA PRO B 63 20.68 -30.25 13.05
C PRO B 63 21.99 -29.57 12.74
N ASP B 64 22.32 -29.53 11.45
CA ASP B 64 23.49 -28.81 10.98
C ASP B 64 23.03 -27.38 10.64
N ILE B 65 21.79 -27.28 10.17
CA ILE B 65 21.20 -26.01 9.74
C ILE B 65 19.82 -25.89 10.35
N ILE B 66 19.44 -24.67 10.74
CA ILE B 66 18.13 -24.44 11.31
C ILE B 66 17.51 -23.22 10.62
N ILE B 67 16.29 -23.39 10.15
CA ILE B 67 15.57 -22.30 9.53
C ILE B 67 14.16 -22.22 10.20
N CYS B 68 13.99 -21.21 11.04
CA CYS B 68 12.72 -20.96 11.74
C CYS B 68 11.87 -20.10 10.77
N VAL B 69 10.61 -20.47 10.62
CA VAL B 69 9.71 -19.80 9.70
C VAL B 69 8.49 -19.26 10.44
N GLY B 70 8.05 -18.06 10.04
CA GLY B 70 6.88 -17.45 10.67
C GLY B 70 6.08 -16.69 9.64
N GLN B 71 4.85 -16.33 10.01
CA GLN B 71 4.00 -15.61 9.07
C GLN B 71 4.14 -14.10 9.25
N ALA B 72 4.30 -13.36 8.15
CA ALA B 72 4.38 -11.90 8.21
C ALA B 72 3.20 -11.38 7.34
N GLY B 73 1.99 -11.41 7.90
CA GLY B 73 0.83 -11.00 7.14
C GLY B 73 0.98 -9.60 6.54
N GLY B 74 0.69 -9.43 5.26
CA GLY B 74 0.87 -8.11 4.67
C GLY B 74 2.06 -8.04 3.73
N ARG B 75 3.06 -8.90 3.94
CA ARG B 75 4.20 -8.90 3.03
C ARG B 75 3.78 -9.62 1.73
N MET B 76 4.54 -9.36 0.67
CA MET B 76 4.24 -9.86 -0.68
C MET B 76 5.32 -10.74 -1.26
N GLN B 77 6.32 -11.06 -0.44
CA GLN B 77 7.44 -11.87 -0.89
C GLN B 77 7.90 -12.83 0.19
N ILE B 78 8.68 -13.84 -0.20
CA ILE B 78 9.32 -14.72 0.81
C ILE B 78 10.48 -13.82 1.33
N THR B 79 10.60 -13.64 2.66
CA THR B 79 11.65 -12.75 3.15
C THR B 79 12.57 -13.28 4.23
N PRO B 80 13.76 -13.76 3.85
CA PRO B 80 14.76 -14.25 4.83
C PRO B 80 15.15 -12.98 5.60
N GLU B 81 15.33 -13.09 6.92
CA GLU B 81 15.66 -11.95 7.76
C GLU B 81 17.13 -11.81 7.99
N ARG B 82 17.63 -10.59 7.79
CA ARG B 82 19.04 -10.33 7.99
C ARG B 82 19.40 -10.20 9.47
N VAL B 83 18.50 -9.65 10.28
CA VAL B 83 18.90 -9.36 11.66
C VAL B 83 17.82 -9.52 12.74
N ALA B 84 18.25 -10.02 13.89
CA ALA B 84 17.37 -10.28 15.03
C ALA B 84 17.69 -9.29 16.14
N ILE B 85 16.69 -8.65 16.76
CA ILE B 85 17.02 -7.66 17.81
C ILE B 85 16.63 -8.12 19.19
N ASN B 86 17.38 -7.65 20.20
CA ASN B 86 17.23 -8.07 21.63
C ASN B 86 16.05 -7.36 22.32
N LEU B 87 14.83 -7.61 21.83
CA LEU B 87 13.65 -6.92 22.38
C LEU B 87 12.32 -7.65 22.18
N ASN B 88 11.53 -7.76 23.26
CA ASN B 88 10.19 -8.32 23.18
C ASN B 88 9.33 -7.07 23.32
N GLU B 89 8.50 -6.78 22.33
CA GLU B 89 7.66 -5.58 22.40
C GLU B 89 6.36 -6.02 21.75
N ALA B 90 5.40 -6.46 22.56
CA ALA B 90 4.15 -6.97 22.04
C ALA B 90 2.96 -5.99 22.01
N ARG B 91 2.36 -5.83 20.84
CA ARG B 91 1.18 -4.95 20.65
C ARG B 91 -0.08 -5.73 20.99
N ILE B 92 0.03 -7.06 21.01
CA ILE B 92 -1.10 -7.91 21.39
C ILE B 92 -0.47 -9.08 22.19
N PRO B 93 -1.27 -9.76 23.02
CA PRO B 93 -0.74 -10.89 23.81
C PRO B 93 -0.37 -12.08 22.94
N ASP B 94 0.54 -12.95 23.40
CA ASP B 94 0.88 -14.14 22.65
C ASP B 94 -0.24 -15.15 22.96
N ASN B 95 -0.13 -16.39 22.51
CA ASN B 95 -1.17 -17.39 22.70
C ASN B 95 -1.46 -17.78 24.17
N GLU B 96 -0.55 -17.43 25.08
CA GLU B 96 -0.79 -17.73 26.47
C GLU B 96 -0.99 -16.45 27.27
N GLY B 97 -1.29 -15.35 26.59
CA GLY B 97 -1.53 -14.13 27.32
C GLY B 97 -0.34 -13.27 27.72
N ASN B 98 0.88 -13.63 27.31
CA ASN B 98 2.02 -12.78 27.68
C ASN B 98 2.09 -11.58 26.72
N GLN B 99 2.33 -10.39 27.25
CA GLN B 99 2.46 -9.21 26.40
C GLN B 99 3.60 -8.37 26.93
N PRO B 100 4.84 -8.87 26.79
CA PRO B 100 6.00 -8.10 27.27
C PRO B 100 6.14 -6.79 26.54
N VAL B 101 6.73 -5.81 27.22
CA VAL B 101 6.96 -4.52 26.64
C VAL B 101 8.33 -4.01 27.06
N GLY B 102 9.12 -3.52 26.11
CA GLY B 102 10.44 -3.01 26.41
C GLY B 102 11.32 -4.04 27.13
N GLU B 103 11.14 -5.31 26.81
CA GLU B 103 11.90 -6.35 27.51
C GLU B 103 13.08 -6.93 26.76
N ASP B 104 14.24 -7.00 27.41
CA ASP B 104 15.43 -7.62 26.81
C ASP B 104 15.14 -9.11 26.64
N ILE B 105 15.54 -9.72 25.51
CA ILE B 105 15.35 -11.16 25.37
C ILE B 105 16.52 -11.80 26.16
N SER B 106 17.70 -11.19 26.06
CA SER B 106 18.92 -11.64 26.78
C SER B 106 19.48 -10.43 27.51
N GLN B 107 19.33 -10.41 28.84
CA GLN B 107 19.78 -9.28 29.63
C GLN B 107 21.29 -9.15 29.41
N GLY B 108 21.72 -7.98 28.99
CA GLY B 108 23.14 -7.79 28.70
C GLY B 108 23.61 -8.50 27.42
N GLY B 109 22.72 -9.20 26.69
CA GLY B 109 23.16 -9.85 25.47
C GLY B 109 23.35 -8.78 24.42
N PRO B 110 23.86 -9.09 23.22
CA PRO B 110 24.04 -8.03 22.23
C PRO B 110 22.70 -7.47 21.77
N ALA B 111 22.73 -6.21 21.34
CA ALA B 111 21.54 -5.56 20.85
C ALA B 111 20.98 -6.33 19.65
N ALA B 112 21.83 -7.03 18.89
CA ALA B 112 21.31 -7.78 17.72
C ALA B 112 22.23 -8.93 17.37
N TYR B 113 21.69 -9.85 16.59
CA TYR B 113 22.46 -10.97 16.06
C TYR B 113 22.17 -11.00 14.56
N TRP B 114 23.20 -11.22 13.75
CA TRP B 114 23.01 -11.35 12.28
C TRP B 114 22.58 -12.80 11.99
N THR B 115 21.87 -13.02 10.88
CA THR B 115 21.52 -14.39 10.53
C THR B 115 22.82 -15.16 10.15
N GLY B 116 22.79 -16.47 10.29
CA GLY B 116 23.94 -17.28 9.89
C GLY B 116 23.65 -17.99 8.57
N LEU B 117 22.48 -17.74 7.98
CA LEU B 117 22.09 -18.34 6.69
C LEU B 117 22.59 -17.51 5.48
N PRO B 118 22.81 -18.14 4.29
CA PRO B 118 23.28 -17.42 3.07
C PRO B 118 22.03 -16.85 2.40
N ILE B 119 21.50 -15.78 2.99
CA ILE B 119 20.23 -15.25 2.52
C ILE B 119 20.20 -14.57 1.18
N LYS B 120 21.33 -14.00 0.72
CA LYS B 120 21.30 -13.40 -0.64
C LYS B 120 21.18 -14.55 -1.65
N ARG B 121 21.88 -15.64 -1.39
CA ARG B 121 21.79 -16.82 -2.25
C ARG B 121 20.38 -17.39 -2.21
N ILE B 122 19.80 -17.49 -1.02
CA ILE B 122 18.46 -18.05 -0.93
C ILE B 122 17.44 -17.18 -1.73
N VAL B 123 17.54 -15.86 -1.60
CA VAL B 123 16.62 -15.00 -2.33
C VAL B 123 16.80 -15.20 -3.85
N GLU B 124 18.05 -15.27 -4.29
CA GLU B 124 18.28 -15.47 -5.74
C GLU B 124 17.75 -16.80 -6.29
N GLU B 125 17.91 -17.88 -5.52
CA GLU B 125 17.47 -19.21 -5.95
C GLU B 125 15.93 -19.27 -5.92
N ILE B 126 15.31 -18.50 -5.03
CA ILE B 126 13.85 -18.52 -4.98
C ILE B 126 13.33 -17.73 -6.19
N LYS B 127 13.93 -16.57 -6.44
CA LYS B 127 13.49 -15.79 -7.60
C LYS B 127 13.75 -16.52 -8.90
N LYS B 128 14.79 -17.37 -8.95
CA LYS B 128 15.08 -18.13 -10.18
C LYS B 128 13.95 -19.10 -10.49
N GLU B 129 13.18 -19.53 -9.48
CA GLU B 129 12.04 -20.44 -9.72
C GLU B 129 10.74 -19.65 -9.94
N GLY B 130 10.85 -18.34 -10.10
CA GLY B 130 9.67 -17.51 -10.36
C GLY B 130 8.82 -17.09 -9.15
N ILE B 131 9.41 -17.11 -7.95
CA ILE B 131 8.72 -16.76 -6.70
C ILE B 131 9.39 -15.49 -6.13
N PRO B 132 8.59 -14.48 -5.76
CA PRO B 132 9.23 -13.28 -5.24
C PRO B 132 9.88 -13.47 -3.87
N ALA B 133 11.02 -12.84 -3.67
CA ALA B 133 11.77 -12.92 -2.39
C ALA B 133 12.62 -11.67 -2.28
N ALA B 134 12.99 -11.32 -1.05
CA ALA B 134 13.83 -10.15 -0.82
C ALA B 134 14.29 -10.28 0.61
N VAL B 135 15.43 -9.64 0.92
CA VAL B 135 15.92 -9.66 2.28
C VAL B 135 15.13 -8.65 3.10
N SER B 136 14.75 -9.00 4.33
CA SER B 136 14.08 -8.04 5.21
C SER B 136 15.12 -7.63 6.28
N TYR B 137 15.04 -6.40 6.79
CA TYR B 137 15.97 -5.94 7.83
C TYR B 137 15.29 -5.72 9.20
N THR B 138 14.05 -6.22 9.31
CA THR B 138 13.31 -6.21 10.58
C THR B 138 12.33 -7.36 10.62
N ALA B 139 12.51 -8.23 11.65
CA ALA B 139 11.66 -9.41 11.87
C ALA B 139 10.56 -9.07 12.86
N GLY B 140 10.41 -7.78 13.13
CA GLY B 140 9.39 -7.37 14.09
C GLY B 140 9.94 -7.47 15.51
N THR B 141 9.04 -7.42 16.50
CA THR B 141 9.42 -7.49 17.92
C THR B 141 8.48 -8.44 18.67
N PHE B 142 7.80 -9.29 17.92
CA PHE B 142 6.85 -10.22 18.50
C PHE B 142 7.54 -11.61 18.65
N VAL B 143 6.74 -12.67 18.66
CA VAL B 143 7.36 -13.99 18.88
C VAL B 143 8.31 -14.48 17.80
N CYS B 144 8.10 -14.06 16.55
CA CYS B 144 8.99 -14.49 15.46
C CYS B 144 10.41 -13.92 15.70
N ASN B 145 10.50 -12.63 15.96
CA ASN B 145 11.82 -12.04 16.22
C ASN B 145 12.44 -12.66 17.49
N HIS B 146 11.58 -12.91 18.44
CA HIS B 146 11.98 -13.50 19.74
C HIS B 146 12.66 -14.82 19.47
N LEU B 147 12.00 -15.66 18.67
CA LEU B 147 12.54 -16.97 18.29
C LEU B 147 13.85 -16.82 17.50
N PHE B 148 13.85 -15.90 16.51
CA PHE B 148 15.07 -15.65 15.73
C PHE B 148 16.25 -15.27 16.66
N TYR B 149 16.03 -14.31 17.55
CA TYR B 149 17.12 -13.86 18.43
C TYR B 149 17.58 -14.98 19.38
N GLY B 150 16.63 -15.69 19.96
CA GLY B 150 16.95 -16.78 20.87
C GLY B 150 17.71 -17.86 20.11
N LEU B 151 17.35 -18.09 18.85
CA LEU B 151 18.08 -19.09 18.08
C LEU B 151 19.53 -18.63 17.90
N MET B 152 19.74 -17.38 17.43
CA MET B 152 21.12 -16.94 17.19
C MET B 152 21.92 -16.89 18.51
N ASP B 153 21.22 -16.59 19.61
CA ASP B 153 21.89 -16.53 20.94
C ASP B 153 22.33 -17.96 21.38
N GLU B 154 21.45 -18.92 21.22
CA GLU B 154 21.76 -20.30 21.56
C GLU B 154 22.94 -20.79 20.65
N ILE B 155 22.88 -20.51 19.36
CA ILE B 155 23.97 -20.91 18.48
C ILE B 155 25.28 -20.27 18.94
N SER B 156 25.23 -18.98 19.19
CA SER B 156 26.42 -18.26 19.58
C SER B 156 27.06 -18.76 20.88
N ARG B 157 26.23 -19.01 21.87
CA ARG B 157 26.73 -19.43 23.17
C ARG B 157 27.02 -20.90 23.34
N HIS B 158 26.26 -21.74 22.63
CA HIS B 158 26.37 -23.18 22.77
C HIS B 158 26.64 -24.08 21.57
N HIS B 159 26.30 -23.66 20.35
CA HIS B 159 26.55 -24.52 19.18
C HIS B 159 26.91 -23.63 18.03
N PRO B 160 28.10 -23.01 18.08
CA PRO B 160 28.52 -22.11 17.02
C PRO B 160 28.71 -22.68 15.64
N HIS B 161 28.76 -24.00 15.52
CA HIS B 161 28.92 -24.67 14.21
C HIS B 161 27.60 -24.64 13.40
N ILE B 162 26.48 -24.52 14.08
CA ILE B 162 25.19 -24.49 13.38
C ILE B 162 24.97 -23.19 12.62
N ARG B 163 24.44 -23.35 11.42
CA ARG B 163 24.06 -22.24 10.55
C ARG B 163 22.54 -22.06 10.72
N GLY B 164 22.14 -20.95 11.33
CA GLY B 164 20.72 -20.76 11.60
C GLY B 164 20.22 -19.38 11.21
N GLY B 165 18.90 -19.27 11.04
CA GLY B 165 18.31 -18.00 10.66
C GLY B 165 16.78 -18.11 10.67
N PHE B 166 16.14 -17.07 10.15
CA PHE B 166 14.69 -16.97 10.16
C PHE B 166 14.21 -16.51 8.78
N ILE B 167 13.05 -17.02 8.37
CA ILE B 167 12.44 -16.61 7.11
C ILE B 167 10.95 -16.32 7.38
N HIS B 168 10.50 -15.13 7.05
CA HIS B 168 9.09 -14.78 7.16
C HIS B 168 8.46 -15.07 5.78
N ILE B 169 7.18 -15.45 5.79
CA ILE B 169 6.43 -15.73 4.56
C ILE B 169 5.10 -14.97 4.66
N PRO B 170 4.46 -14.73 3.51
CA PRO B 170 3.18 -14.01 3.49
C PRO B 170 2.04 -14.89 3.96
N TYR B 171 0.87 -14.29 4.00
CA TYR B 171 -0.39 -15.03 4.22
C TYR B 171 -0.55 -15.96 2.99
N ILE B 172 -1.36 -17.00 3.13
CA ILE B 172 -1.77 -17.85 2.00
C ILE B 172 -3.16 -17.25 1.66
N PRO B 173 -3.66 -17.43 0.40
CA PRO B 173 -4.94 -16.87 -0.05
C PRO B 173 -6.14 -17.03 0.85
N GLU B 174 -6.30 -18.21 1.42
CA GLU B 174 -7.45 -18.47 2.27
C GLU B 174 -7.53 -17.59 3.51
N GLN B 175 -6.47 -16.87 3.83
CA GLN B 175 -6.44 -15.98 5.01
C GLN B 175 -6.80 -14.54 4.61
N THR B 176 -7.12 -14.33 3.35
CA THR B 176 -7.38 -12.97 2.89
C THR B 176 -8.74 -12.82 2.23
N LEU B 177 -9.71 -13.56 2.73
CA LEU B 177 -11.05 -13.55 2.14
C LEU B 177 -11.95 -12.43 2.65
N GLN B 178 -11.65 -11.88 3.82
CA GLN B 178 -12.48 -10.78 4.35
C GLN B 178 -11.96 -9.36 4.24
N LYS B 179 -10.65 -9.18 4.24
CA LYS B 179 -10.04 -7.87 4.09
C LYS B 179 -8.97 -8.14 3.06
N SER B 180 -8.90 -7.34 2.00
CA SER B 180 -7.91 -7.61 0.98
C SER B 180 -6.51 -7.62 1.61
N ALA B 181 -5.62 -8.44 1.07
CA ALA B 181 -4.25 -8.46 1.54
C ALA B 181 -3.50 -9.36 0.61
N PRO B 182 -2.20 -9.07 0.43
CA PRO B 182 -1.38 -9.91 -0.44
C PRO B 182 -1.19 -11.32 0.16
N SER B 183 -0.92 -12.29 -0.71
CA SER B 183 -0.62 -13.67 -0.29
C SER B 183 0.27 -14.35 -1.34
N LEU B 184 0.72 -15.57 -1.02
CA LEU B 184 1.45 -16.43 -1.98
C LEU B 184 0.80 -17.79 -1.67
N SER B 185 0.66 -18.64 -2.69
CA SER B 185 -0.01 -19.92 -2.51
C SER B 185 0.83 -20.81 -1.59
N LEU B 186 0.18 -21.74 -0.90
CA LEU B 186 0.92 -22.62 0.00
C LEU B 186 1.91 -23.41 -0.81
N ASP B 187 1.52 -23.80 -2.03
CA ASP B 187 2.47 -24.57 -2.85
C ASP B 187 3.75 -23.75 -3.14
N HIS B 188 3.61 -22.48 -3.52
CA HIS B 188 4.78 -21.67 -3.80
C HIS B 188 5.59 -21.45 -2.54
N ILE B 189 4.91 -21.23 -1.40
CA ILE B 189 5.65 -21.00 -0.16
C ILE B 189 6.45 -22.25 0.20
N THR B 190 5.81 -23.41 0.14
CA THR B 190 6.48 -24.67 0.46
C THR B 190 7.69 -24.86 -0.47
N LYS B 191 7.50 -24.59 -1.78
CA LYS B 191 8.61 -24.71 -2.71
C LYS B 191 9.76 -23.75 -2.39
N ALA B 192 9.44 -22.51 -2.00
CA ALA B 192 10.46 -21.53 -1.63
C ALA B 192 11.27 -22.00 -0.40
N LEU B 193 10.62 -22.60 0.60
CA LEU B 193 11.31 -23.04 1.80
C LEU B 193 12.18 -24.25 1.50
N LYS B 194 11.71 -25.11 0.60
CA LYS B 194 12.46 -26.27 0.20
C LYS B 194 13.76 -25.75 -0.46
N ILE B 195 13.60 -24.76 -1.36
CA ILE B 195 14.75 -24.15 -2.06
C ILE B 195 15.71 -23.54 -0.99
N ALA B 196 15.15 -22.83 0.01
CA ALA B 196 15.99 -22.23 1.06
C ALA B 196 16.81 -23.32 1.79
N ALA B 197 16.16 -24.44 2.07
CA ALA B 197 16.87 -25.51 2.78
C ALA B 197 17.96 -26.16 1.90
N VAL B 198 17.67 -26.36 0.62
CA VAL B 198 18.67 -26.97 -0.26
C VAL B 198 19.82 -26.01 -0.49
N THR B 199 19.49 -24.73 -0.67
CA THR B 199 20.54 -23.71 -0.88
C THR B 199 21.48 -23.57 0.36
N ALA B 200 20.91 -23.51 1.55
CA ALA B 200 21.71 -23.38 2.79
C ALA B 200 22.57 -24.65 3.00
N ALA B 201 22.00 -25.80 2.69
CA ALA B 201 22.72 -27.06 2.82
C ALA B 201 23.86 -27.12 1.81
N ALA B 202 23.61 -26.63 0.59
CA ALA B 202 24.60 -26.65 -0.44
C ALA B 202 25.70 -25.62 -0.32
N HIS B 203 25.45 -24.51 0.40
CA HIS B 203 26.44 -23.44 0.51
C HIS B 203 26.53 -22.81 1.88
N GLU B 204 27.68 -22.94 2.52
CA GLU B 204 27.86 -22.34 3.85
C GLU B 204 27.96 -20.81 3.71
N ASP B 205 28.66 -20.39 2.67
CA ASP B 205 28.91 -19.00 2.34
C ASP B 205 27.84 -18.37 1.45
N ASP B 206 27.57 -17.10 1.71
CA ASP B 206 26.62 -16.35 0.93
C ASP B 206 27.32 -15.66 -0.26
N ILE B 207 26.54 -15.27 -1.26
CA ILE B 207 27.06 -14.57 -2.41
C ILE B 207 26.93 -13.12 -2.04
N GLU B 208 27.42 -12.23 -2.87
CA GLU B 208 27.23 -10.82 -2.57
C GLU B 208 26.53 -10.18 -3.78
N THR B 209 25.31 -9.68 -3.55
CA THR B 209 24.55 -9.05 -4.62
C THR B 209 23.65 -7.94 -4.05
N GLU C 2 19.27 23.98 30.83
CA GLU C 2 19.54 24.08 29.35
C GLU C 2 20.33 22.93 28.75
N LYS C 3 19.79 22.32 27.69
CA LYS C 3 20.50 21.24 26.99
C LYS C 3 20.76 21.75 25.58
N LYS C 4 21.98 21.64 25.11
CA LYS C 4 22.31 22.06 23.74
C LYS C 4 21.88 20.87 22.82
N VAL C 5 20.93 21.11 21.93
CA VAL C 5 20.42 20.07 21.03
C VAL C 5 20.90 20.30 19.59
N LEU C 6 21.70 19.36 19.08
CA LEU C 6 22.21 19.46 17.71
C LEU C 6 21.29 18.63 16.81
N LEU C 7 20.69 19.30 15.82
CA LEU C 7 19.85 18.63 14.84
C LEU C 7 20.63 18.62 13.48
N THR C 8 20.54 17.54 12.73
CA THR C 8 21.16 17.52 11.41
C THR C 8 20.09 17.15 10.38
N GLY C 9 20.25 17.62 9.15
CA GLY C 9 19.36 17.24 8.06
C GLY C 9 20.33 17.00 6.90
N PHE C 10 19.92 16.20 5.93
CA PHE C 10 20.75 15.85 4.78
C PHE C 10 20.64 16.84 3.61
N ASP C 11 21.67 16.90 2.77
CA ASP C 11 21.60 17.77 1.63
C ASP C 11 20.76 17.07 0.58
N PRO C 12 20.52 17.75 -0.54
CA PRO C 12 19.71 17.14 -1.59
C PRO C 12 20.26 15.89 -2.23
N PHE C 13 19.38 14.95 -2.46
CA PHE C 13 19.79 13.76 -3.13
C PHE C 13 19.35 13.98 -4.61
N GLY C 14 20.11 13.42 -5.55
CA GLY C 14 19.81 13.56 -6.97
C GLY C 14 18.39 13.28 -7.43
N GLY C 15 17.83 14.26 -8.14
CA GLY C 15 16.48 14.13 -8.65
C GLY C 15 15.69 15.09 -7.77
N GLU C 16 15.82 14.89 -6.46
CA GLU C 16 15.16 15.79 -5.52
C GLU C 16 15.93 17.12 -5.60
N THR C 17 15.22 18.22 -5.50
CA THR C 17 15.87 19.51 -5.51
C THR C 17 15.85 19.96 -4.07
N VAL C 18 15.02 19.28 -3.28
CA VAL C 18 14.90 19.63 -1.87
C VAL C 18 15.07 18.46 -0.96
N ASN C 19 15.65 18.74 0.19
CA ASN C 19 15.70 17.72 1.16
C ASN C 19 15.07 18.37 2.36
N PRO C 20 13.82 18.00 2.61
CA PRO C 20 13.00 18.49 3.70
C PRO C 20 13.58 18.24 5.07
N SER C 21 14.43 17.22 5.22
CA SER C 21 15.00 16.98 6.52
C SER C 21 15.83 18.22 6.85
N TRP C 22 16.59 18.72 5.89
CA TRP C 22 17.35 19.93 6.18
C TRP C 22 16.44 21.15 6.27
N GLU C 23 15.49 21.30 5.34
CA GLU C 23 14.60 22.47 5.35
C GLU C 23 13.89 22.56 6.70
N ALA C 24 13.48 21.42 7.24
CA ALA C 24 12.81 21.44 8.55
C ALA C 24 13.77 21.80 9.70
N VAL C 25 14.91 21.11 9.79
CA VAL C 25 15.81 21.45 10.91
C VAL C 25 16.45 22.85 10.79
N LYS C 26 16.66 23.34 9.56
CA LYS C 26 17.26 24.65 9.38
C LYS C 26 16.36 25.70 10.06
N ARG C 27 15.04 25.53 9.96
CA ARG C 27 14.12 26.46 10.58
C ARG C 27 14.26 26.55 12.07
N LEU C 28 14.79 25.50 12.70
CA LEU C 28 14.90 25.47 14.15
C LEU C 28 16.28 25.97 14.64
N ASN C 29 17.17 26.32 13.73
CA ASN C 29 18.51 26.73 14.17
C ASN C 29 18.45 27.98 15.09
N GLY C 30 19.10 27.93 16.25
CA GLY C 30 19.12 29.05 17.18
C GLY C 30 17.85 29.13 18.00
N ALA C 31 16.93 28.17 17.87
CA ALA C 31 15.72 28.26 18.65
C ALA C 31 15.92 27.89 20.11
N ALA C 32 15.20 28.57 21.02
CA ALA C 32 15.26 28.24 22.47
C ALA C 32 13.81 27.77 22.73
N GLU C 33 13.66 26.49 22.99
CA GLU C 33 12.31 25.98 23.20
C GLU C 33 12.38 25.12 24.44
N GLY C 34 11.55 25.44 25.43
CA GLY C 34 11.58 24.68 26.69
C GLY C 34 13.03 24.72 27.15
N PRO C 35 13.60 23.58 27.60
CA PRO C 35 14.99 23.58 28.05
C PRO C 35 15.98 23.38 26.88
N ALA C 36 15.48 23.27 25.66
CA ALA C 36 16.38 23.07 24.55
C ALA C 36 16.90 24.35 23.93
N SER C 37 18.19 24.35 23.61
CA SER C 37 18.82 25.43 22.88
C SER C 37 19.25 24.67 21.60
N ILE C 38 18.59 24.97 20.48
CA ILE C 38 18.85 24.21 19.24
C ILE C 38 19.81 24.83 18.24
N VAL C 39 20.68 23.97 17.69
CA VAL C 39 21.61 24.36 16.63
C VAL C 39 21.45 23.30 15.53
N SER C 40 21.55 23.70 14.25
CA SER C 40 21.35 22.76 13.16
C SER C 40 22.55 22.77 12.21
N GLU C 41 22.89 21.59 11.70
CA GLU C 41 24.00 21.49 10.75
C GLU C 41 23.57 20.53 9.66
N GLN C 42 24.00 20.82 8.44
CA GLN C 42 23.66 19.99 7.30
C GLN C 42 24.72 18.91 7.07
N VAL C 43 24.28 17.73 6.66
CA VAL C 43 25.20 16.66 6.43
C VAL C 43 25.03 16.16 4.98
N PRO C 44 26.13 15.84 4.29
CA PRO C 44 26.08 15.34 2.90
C PRO C 44 25.49 13.93 2.85
N THR C 45 24.72 13.61 1.80
CA THR C 45 24.15 12.27 1.66
C THR C 45 25.21 11.43 1.00
N VAL C 46 26.25 11.18 1.80
CA VAL C 46 27.42 10.46 1.36
C VAL C 46 27.94 9.55 2.47
N PHE C 47 28.15 8.26 2.17
CA PHE C 47 28.73 7.36 3.16
C PHE C 47 30.13 7.84 3.61
N TYR C 48 30.47 7.65 4.89
CA TYR C 48 31.76 7.99 5.45
C TYR C 48 31.92 9.49 5.72
N LYS C 49 31.77 10.28 4.67
CA LYS C 49 31.90 11.71 4.77
C LYS C 49 30.81 12.26 5.69
N SER C 50 29.58 11.74 5.60
CA SER C 50 28.50 12.20 6.52
C SER C 50 28.95 12.11 7.97
N LEU C 51 29.62 11.00 8.32
CA LEU C 51 30.08 10.80 9.70
C LEU C 51 31.18 11.82 10.08
N ALA C 52 32.06 12.17 9.16
CA ALA C 52 33.12 13.15 9.48
C ALA C 52 32.51 14.51 9.68
N VAL C 53 31.52 14.87 8.87
CA VAL C 53 30.84 16.15 9.07
C VAL C 53 30.09 16.15 10.41
N LEU C 54 29.45 15.04 10.74
CA LEU C 54 28.78 14.95 12.03
C LEU C 54 29.82 15.12 13.19
N ARG C 55 30.98 14.47 13.10
CA ARG C 55 32.00 14.59 14.15
C ARG C 55 32.42 16.05 14.32
N GLU C 56 32.61 16.76 13.23
CA GLU C 56 32.99 18.16 13.31
C GLU C 56 31.89 19.02 13.91
N ALA C 57 30.62 18.72 13.61
CA ALA C 57 29.53 19.48 14.20
C ALA C 57 29.49 19.24 15.73
N MET C 58 29.77 18.01 16.13
CA MET C 58 29.79 17.65 17.54
C MET C 58 30.93 18.41 18.23
N LYS C 59 32.09 18.45 17.60
CA LYS C 59 33.23 19.15 18.17
C LYS C 59 32.84 20.62 18.29
N LYS C 60 32.33 21.18 17.20
CA LYS C 60 31.92 22.56 17.15
C LYS C 60 30.88 22.99 18.18
N HIS C 61 29.78 22.28 18.29
CA HIS C 61 28.71 22.66 19.23
C HIS C 61 28.64 22.03 20.64
N GLN C 62 29.42 20.97 20.88
CA GLN C 62 29.45 20.27 22.17
C GLN C 62 28.02 19.98 22.63
N PRO C 63 27.23 19.33 21.77
CA PRO C 63 25.86 19.06 22.20
C PRO C 63 25.71 18.07 23.35
N ASP C 64 24.61 18.25 24.08
CA ASP C 64 24.20 17.31 25.12
C ASP C 64 23.30 16.25 24.45
N ILE C 65 22.56 16.68 23.42
CA ILE C 65 21.61 15.83 22.72
C ILE C 65 21.81 15.99 21.21
N ILE C 66 21.71 14.89 20.47
CA ILE C 66 21.88 14.96 19.01
C ILE C 66 20.69 14.21 18.37
N ILE C 67 20.00 14.87 17.43
CA ILE C 67 18.96 14.18 16.71
C ILE C 67 19.22 14.35 15.20
N CYS C 68 19.58 13.26 14.53
CA CYS C 68 19.84 13.28 13.09
C CYS C 68 18.52 12.97 12.40
N VAL C 69 18.26 13.73 11.35
CA VAL C 69 17.01 13.59 10.67
C VAL C 69 17.22 13.25 9.20
N GLY C 70 16.37 12.35 8.72
CA GLY C 70 16.44 11.96 7.31
C GLY C 70 15.06 11.68 6.75
N GLN C 71 14.99 11.66 5.43
CA GLN C 71 13.74 11.38 4.76
C GLN C 71 13.50 9.91 4.41
N ALA C 72 12.32 9.39 4.74
CA ALA C 72 11.98 8.01 4.36
C ALA C 72 10.71 8.15 3.52
N GLY C 73 10.90 8.36 2.22
CA GLY C 73 9.75 8.56 1.36
C GLY C 73 8.84 7.34 1.35
N GLY C 74 7.52 7.57 1.41
CA GLY C 74 6.61 6.44 1.42
C GLY C 74 6.00 6.27 2.80
N ARG C 75 6.68 6.73 3.86
CA ARG C 75 6.11 6.59 5.19
C ARG C 75 5.02 7.67 5.38
N MET C 76 4.19 7.51 6.40
CA MET C 76 3.04 8.37 6.64
C MET C 76 3.02 8.97 8.02
N GLN C 77 4.11 8.83 8.76
CA GLN C 77 4.22 9.29 10.15
C GLN C 77 5.64 9.76 10.40
N ILE C 78 5.84 10.57 11.45
CA ILE C 78 7.19 11.00 11.85
C ILE C 78 7.62 9.71 12.52
N THR C 79 8.79 9.17 12.21
CA THR C 79 9.19 7.92 12.84
C THR C 79 10.57 7.88 13.48
N PRO C 80 10.64 8.05 14.82
CA PRO C 80 11.93 7.98 15.56
C PRO C 80 12.37 6.50 15.41
N GLU C 81 13.65 6.29 15.17
CA GLU C 81 14.19 4.95 14.97
C GLU C 81 14.71 4.29 16.23
N ARG C 82 14.32 3.05 16.44
CA ARG C 82 14.73 2.34 17.64
C ARG C 82 16.14 1.76 17.55
N VAL C 83 16.54 1.35 16.35
CA VAL C 83 17.80 0.65 16.25
C VAL C 83 18.59 0.88 14.98
N ALA C 84 19.90 0.97 15.13
CA ALA C 84 20.79 1.19 13.99
C ALA C 84 21.62 -0.08 13.78
N ILE C 85 21.80 -0.49 12.54
CA ILE C 85 22.57 -1.72 12.29
C ILE C 85 23.88 -1.46 11.56
N ASN C 86 24.86 -2.35 11.81
CA ASN C 86 26.23 -2.22 11.30
C ASN C 86 26.37 -2.73 9.87
N LEU C 87 25.75 -2.04 8.92
CA LEU C 87 25.77 -2.48 7.54
C LEU C 87 25.42 -1.35 6.52
N ASN C 88 26.23 -1.23 5.46
CA ASN C 88 26.00 -0.30 4.37
C ASN C 88 25.62 -1.25 3.22
N GLU C 89 24.38 -1.15 2.75
CA GLU C 89 23.90 -2.02 1.66
C GLU C 89 23.13 -1.04 0.81
N ALA C 90 23.78 -0.54 -0.24
CA ALA C 90 23.22 0.51 -1.09
C ALA C 90 22.68 -0.03 -2.39
N ARG C 91 21.42 0.26 -2.69
CA ARG C 91 20.92 -0.22 -3.95
C ARG C 91 21.29 0.74 -5.09
N ILE C 92 21.46 2.03 -4.78
CA ILE C 92 21.86 3.03 -5.78
C ILE C 92 23.06 3.73 -5.15
N PRO C 93 23.83 4.50 -5.93
CA PRO C 93 25.01 5.18 -5.34
C PRO C 93 24.63 6.38 -4.45
N ASP C 94 25.47 6.76 -3.48
CA ASP C 94 25.18 7.95 -2.69
C ASP C 94 25.53 9.19 -3.54
N ASN C 95 25.61 10.36 -2.95
CA ASN C 95 25.92 11.55 -3.75
C ASN C 95 27.31 11.62 -4.38
N GLU C 96 28.24 10.78 -3.97
CA GLU C 96 29.57 10.81 -4.54
C GLU C 96 29.92 9.49 -5.20
N GLY C 97 28.89 8.76 -5.59
CA GLY C 97 29.13 7.50 -6.26
C GLY C 97 29.49 6.28 -5.43
N ASN C 98 29.44 6.32 -4.10
CA ASN C 98 29.80 5.11 -3.36
C ASN C 98 28.57 4.26 -3.33
N GLN C 99 28.73 2.98 -3.65
CA GLN C 99 27.67 2.01 -3.62
C GLN C 99 28.14 0.75 -2.88
N PRO C 100 28.30 0.86 -1.55
CA PRO C 100 28.74 -0.29 -0.77
C PRO C 100 27.69 -1.37 -0.73
N VAL C 101 28.16 -2.61 -0.66
CA VAL C 101 27.30 -3.78 -0.62
C VAL C 101 27.92 -4.70 0.41
N GLY C 102 27.11 -5.18 1.36
CA GLY C 102 27.61 -6.10 2.36
C GLY C 102 28.76 -5.57 3.20
N GLU C 103 28.81 -4.27 3.43
CA GLU C 103 29.91 -3.69 4.15
C GLU C 103 29.63 -3.29 5.60
N ASP C 104 30.56 -3.62 6.50
CA ASP C 104 30.44 -3.23 7.92
C ASP C 104 30.67 -1.72 7.99
N ILE C 105 29.96 -1.05 8.90
CA ILE C 105 30.18 0.36 9.10
C ILE C 105 31.39 0.47 10.01
N SER C 106 31.42 -0.36 11.04
CA SER C 106 32.53 -0.39 11.98
C SER C 106 33.03 -1.83 12.07
N GLN C 107 34.21 -2.03 11.49
CA GLN C 107 34.85 -3.34 11.45
C GLN C 107 34.98 -3.76 12.92
N GLY C 108 34.40 -4.90 13.26
CA GLY C 108 34.44 -5.32 14.65
C GLY C 108 33.49 -4.60 15.62
N GLY C 109 32.68 -3.63 15.16
CA GLY C 109 31.78 -2.93 16.10
C GLY C 109 30.57 -3.84 16.36
N PRO C 110 29.63 -3.47 17.27
CA PRO C 110 28.49 -4.35 17.49
C PRO C 110 27.57 -4.40 16.24
N ALA C 111 26.82 -5.48 16.09
CA ALA C 111 25.86 -5.63 15.00
C ALA C 111 24.81 -4.49 15.04
N ALA C 112 24.51 -3.95 16.23
CA ALA C 112 23.53 -2.86 16.35
C ALA C 112 23.75 -1.96 17.56
N TYR C 113 23.15 -0.76 17.51
CA TYR C 113 23.17 0.17 18.64
C TYR C 113 21.71 0.60 18.82
N TRP C 114 21.23 0.65 20.05
CA TRP C 114 19.89 1.13 20.30
C TRP C 114 19.96 2.66 20.32
N THR C 115 18.82 3.30 20.09
CA THR C 115 18.78 4.77 20.12
C THR C 115 19.00 5.18 21.58
N GLY C 116 19.53 6.39 21.77
CA GLY C 116 19.72 6.95 23.09
C GLY C 116 18.66 8.00 23.39
N LEU C 117 17.64 8.18 22.52
CA LEU C 117 16.61 9.18 22.77
C LEU C 117 15.35 8.51 23.38
N PRO C 118 14.49 9.28 24.09
CA PRO C 118 13.24 8.78 24.72
C PRO C 118 12.17 8.76 23.61
N ILE C 119 12.28 7.81 22.69
CA ILE C 119 11.39 7.84 21.56
C ILE C 119 9.95 7.56 21.76
N LYS C 120 9.59 6.79 22.80
CA LYS C 120 8.18 6.57 23.06
C LYS C 120 7.56 7.90 23.56
N ARG C 121 8.26 8.65 24.40
CA ARG C 121 7.73 9.96 24.82
C ARG C 121 7.61 10.87 23.60
N ILE C 122 8.64 10.86 22.76
CA ILE C 122 8.62 11.70 21.56
C ILE C 122 7.39 11.40 20.70
N VAL C 123 7.18 10.13 20.45
CA VAL C 123 6.04 9.75 19.62
C VAL C 123 4.74 10.27 20.29
N GLU C 124 4.61 10.09 21.60
CA GLU C 124 3.35 10.52 22.23
C GLU C 124 3.14 12.03 22.23
N GLU C 125 4.19 12.81 22.40
CA GLU C 125 4.05 14.26 22.43
C GLU C 125 3.74 14.78 21.03
N ILE C 126 4.21 14.06 20.00
CA ILE C 126 3.92 14.52 18.66
C ILE C 126 2.45 14.24 18.38
N LYS C 127 1.99 13.07 18.77
CA LYS C 127 0.60 12.71 18.52
C LYS C 127 -0.33 13.63 19.31
N LYS C 128 0.08 13.98 20.51
CA LYS C 128 -0.71 14.89 21.31
C LYS C 128 -0.99 16.16 20.57
N GLU C 129 -0.09 16.54 19.67
CA GLU C 129 -0.28 17.78 18.93
C GLU C 129 -1.00 17.57 17.61
N GLY C 130 -1.51 16.36 17.38
CA GLY C 130 -2.26 16.09 16.16
C GLY C 130 -1.47 15.68 14.95
N ILE C 131 -0.20 15.27 15.17
CA ILE C 131 0.68 14.84 14.09
C ILE C 131 1.00 13.34 14.25
N PRO C 132 0.79 12.55 13.19
CA PRO C 132 1.05 11.11 13.30
C PRO C 132 2.54 10.77 13.53
N ALA C 133 2.76 9.73 14.34
CA ALA C 133 4.13 9.34 14.68
C ALA C 133 4.08 7.92 15.17
N ALA C 134 5.19 7.21 15.04
CA ALA C 134 5.28 5.83 15.48
C ALA C 134 6.76 5.47 15.53
N VAL C 135 7.06 4.48 16.35
CA VAL C 135 8.44 4.02 16.44
C VAL C 135 8.70 3.12 15.20
N SER C 136 9.90 3.23 14.63
CA SER C 136 10.31 2.37 13.53
C SER C 136 11.45 1.49 14.06
N TYR C 137 11.51 0.24 13.57
CA TYR C 137 12.54 -0.71 13.96
C TYR C 137 13.55 -1.02 12.84
N THR C 138 13.49 -0.29 11.73
CA THR C 138 14.53 -0.42 10.71
C THR C 138 14.67 0.96 10.08
N ALA C 139 15.89 1.48 10.08
CA ALA C 139 16.18 2.76 9.46
C ALA C 139 16.75 2.53 8.04
N GLY C 140 16.67 1.29 7.55
CA GLY C 140 17.20 1.00 6.23
C GLY C 140 18.68 0.66 6.28
N THR C 141 19.34 0.69 5.13
CA THR C 141 20.75 0.32 5.07
C THR C 141 21.54 1.28 4.19
N PHE C 142 20.97 2.44 3.94
CA PHE C 142 21.60 3.47 3.11
C PHE C 142 22.29 4.52 4.00
N VAL C 143 22.43 5.76 3.53
CA VAL C 143 23.13 6.74 4.31
C VAL C 143 22.40 7.17 5.64
N CYS C 144 21.09 7.06 5.71
CA CYS C 144 20.42 7.47 6.96
C CYS C 144 20.78 6.52 8.09
N ASN C 145 20.63 5.21 7.90
CA ASN C 145 21.02 4.25 8.93
C ASN C 145 22.51 4.36 9.21
N HIS C 146 23.29 4.60 8.17
CA HIS C 146 24.74 4.74 8.29
C HIS C 146 25.07 5.87 9.28
N LEU C 147 24.46 7.02 9.08
CA LEU C 147 24.69 8.16 9.98
C LEU C 147 24.21 7.80 11.42
N PHE C 148 23.04 7.16 11.50
CA PHE C 148 22.48 6.73 12.83
C PHE C 148 23.51 5.80 13.58
N TYR C 149 23.95 4.75 12.90
CA TYR C 149 24.91 3.82 13.49
C TYR C 149 26.20 4.56 13.84
N GLY C 150 26.72 5.36 12.94
CA GLY C 150 27.98 6.08 13.24
C GLY C 150 27.84 7.05 14.42
N LEU C 151 26.68 7.70 14.52
CA LEU C 151 26.38 8.58 15.63
C LEU C 151 26.47 7.79 16.95
N MET C 152 25.74 6.68 17.04
CA MET C 152 25.73 5.89 18.28
C MET C 152 27.10 5.28 18.58
N ASP C 153 27.86 4.97 17.54
CA ASP C 153 29.20 4.36 17.70
C ASP C 153 30.16 5.40 18.25
N GLU C 154 30.07 6.60 17.68
CA GLU C 154 30.90 7.70 18.13
C GLU C 154 30.51 8.08 19.59
N ILE C 155 29.21 8.09 19.92
CA ILE C 155 28.77 8.41 21.28
C ILE C 155 29.35 7.38 22.27
N SER C 156 29.11 6.11 21.96
CA SER C 156 29.58 5.00 22.78
C SER C 156 31.09 4.97 22.99
N ARG C 157 31.86 5.24 21.94
CA ARG C 157 33.31 5.17 22.06
C ARG C 157 34.02 6.40 22.53
N HIS C 158 33.43 7.56 22.25
CA HIS C 158 34.07 8.80 22.56
C HIS C 158 33.30 9.87 23.32
N HIS C 159 31.97 9.81 23.39
CA HIS C 159 31.23 10.87 24.09
C HIS C 159 30.00 10.26 24.69
N PRO C 160 30.19 9.34 25.63
CA PRO C 160 29.05 8.66 26.25
C PRO C 160 28.02 9.48 26.99
N HIS C 161 28.31 10.73 27.31
CA HIS C 161 27.35 11.55 28.01
C HIS C 161 26.23 12.01 27.06
N ILE C 162 26.48 11.97 25.77
CA ILE C 162 25.49 12.45 24.81
C ILE C 162 24.32 11.52 24.61
N ARG C 163 23.13 12.08 24.51
CA ARG C 163 21.94 11.27 24.21
C ARG C 163 21.67 11.52 22.72
N GLY C 164 21.82 10.48 21.90
CA GLY C 164 21.59 10.69 20.49
C GLY C 164 20.67 9.68 19.82
N GLY C 165 20.17 10.02 18.65
CA GLY C 165 19.32 9.07 17.95
C GLY C 165 19.02 9.60 16.57
N PHE C 166 18.08 8.94 15.93
CA PHE C 166 17.73 9.34 14.57
C PHE C 166 16.21 9.39 14.39
N ILE C 167 15.72 10.31 13.56
CA ILE C 167 14.30 10.37 13.28
C ILE C 167 14.04 10.46 11.74
N HIS C 168 13.21 9.57 11.20
CA HIS C 168 12.89 9.68 9.77
C HIS C 168 11.57 10.44 9.68
N ILE C 169 11.43 11.19 8.58
CA ILE C 169 10.23 11.95 8.27
C ILE C 169 9.81 11.59 6.85
N PRO C 170 8.52 11.77 6.56
CA PRO C 170 7.92 11.49 5.23
C PRO C 170 8.32 12.54 4.20
N TYR C 171 7.88 12.34 2.96
CA TYR C 171 8.02 13.35 1.92
C TYR C 171 7.14 14.53 2.35
N ILE C 172 7.38 15.71 1.76
CA ILE C 172 6.47 16.83 1.95
C ILE C 172 5.62 16.77 0.66
N PRO C 173 4.42 17.36 0.65
CA PRO C 173 3.51 17.34 -0.51
C PRO C 173 4.11 17.63 -1.88
N GLU C 174 4.94 18.68 -1.95
CA GLU C 174 5.61 19.12 -3.17
C GLU C 174 6.48 18.07 -3.83
N GLN C 175 6.82 17.01 -3.10
CA GLN C 175 7.67 15.93 -3.63
C GLN C 175 6.81 14.81 -4.22
N THR C 176 5.50 14.96 -4.14
CA THR C 176 4.60 13.88 -4.57
C THR C 176 3.65 14.29 -5.68
N LEU C 177 4.08 15.21 -6.53
CA LEU C 177 3.24 15.70 -7.62
C LEU C 177 3.20 14.80 -8.87
N GLN C 178 4.24 14.03 -9.11
CA GLN C 178 4.29 13.21 -10.31
C GLN C 178 3.95 11.75 -10.06
N LYS C 179 4.23 11.25 -8.87
CA LYS C 179 3.84 9.87 -8.53
C LYS C 179 3.27 10.00 -7.12
N SER C 180 2.07 9.49 -6.94
CA SER C 180 1.39 9.58 -5.68
C SER C 180 2.10 8.89 -4.52
N ALA C 181 2.10 9.55 -3.36
CA ALA C 181 2.77 8.98 -2.21
C ALA C 181 2.32 9.82 -1.03
N PRO C 182 2.39 9.24 0.18
CA PRO C 182 1.99 9.96 1.42
C PRO C 182 2.96 11.10 1.71
N SER C 183 2.49 12.11 2.38
CA SER C 183 3.38 13.20 2.78
C SER C 183 2.82 13.87 4.06
N LEU C 184 3.61 14.76 4.67
CA LEU C 184 3.17 15.59 5.82
C LEU C 184 3.72 16.96 5.43
N SER C 185 3.00 18.03 5.77
CA SER C 185 3.44 19.35 5.35
C SER C 185 4.75 19.71 6.07
N LEU C 186 5.54 20.58 5.44
CA LEU C 186 6.79 21.03 6.08
C LEU C 186 6.51 21.68 7.43
N ASP C 187 5.40 22.41 7.55
CA ASP C 187 5.12 23.00 8.85
C ASP C 187 4.92 21.94 9.88
N HIS C 188 4.17 20.90 9.57
CA HIS C 188 3.94 19.85 10.59
C HIS C 188 5.21 19.07 10.97
N ILE C 189 6.03 18.78 9.97
CA ILE C 189 7.28 18.06 10.22
C ILE C 189 8.17 18.94 11.10
N THR C 190 8.23 20.24 10.80
CA THR C 190 9.08 21.14 11.60
C THR C 190 8.62 21.18 13.04
N LYS C 191 7.31 21.34 13.23
CA LYS C 191 6.71 21.34 14.55
C LYS C 191 7.02 19.99 15.26
N ALA C 192 6.85 18.86 14.57
CA ALA C 192 7.18 17.57 15.21
C ALA C 192 8.66 17.47 15.66
N LEU C 193 9.60 17.97 14.85
CA LEU C 193 11.03 17.88 15.23
C LEU C 193 11.30 18.82 16.42
N LYS C 194 10.62 19.96 16.44
CA LYS C 194 10.78 20.89 17.56
C LYS C 194 10.29 20.17 18.85
N ILE C 195 9.14 19.48 18.74
CA ILE C 195 8.59 18.74 19.89
C ILE C 195 9.57 17.64 20.32
N ALA C 196 10.20 16.96 19.35
CA ALA C 196 11.14 15.90 19.69
C ALA C 196 12.34 16.47 20.47
N ALA C 197 12.82 17.62 20.02
CA ALA C 197 13.95 18.28 20.64
C ALA C 197 13.62 18.71 22.09
N VAL C 198 12.48 19.34 22.29
CA VAL C 198 12.06 19.76 23.62
C VAL C 198 11.89 18.55 24.53
N THR C 199 11.18 17.55 24.05
CA THR C 199 10.93 16.33 24.79
C THR C 199 12.22 15.64 25.24
N ALA C 200 13.19 15.51 24.32
CA ALA C 200 14.48 14.88 24.64
C ALA C 200 15.22 15.75 25.66
N ALA C 201 15.20 17.06 25.41
CA ALA C 201 15.86 17.96 26.35
C ALA C 201 15.21 17.94 27.73
N ALA C 202 13.89 17.81 27.80
CA ALA C 202 13.19 17.78 29.10
C ALA C 202 13.23 16.42 29.81
N HIS C 203 13.52 15.34 29.07
CA HIS C 203 13.49 14.03 29.70
C HIS C 203 14.57 13.08 29.21
N GLU C 204 15.45 12.63 30.09
CA GLU C 204 16.46 11.66 29.64
C GLU C 204 15.78 10.30 29.53
N ASP C 205 14.89 10.06 30.47
CA ASP C 205 14.17 8.78 30.58
C ASP C 205 12.94 8.64 29.69
N ASP C 206 12.80 7.50 29.05
CA ASP C 206 11.64 7.29 28.20
C ASP C 206 10.50 6.73 29.06
N ILE C 207 9.29 6.76 28.54
CA ILE C 207 8.15 6.18 29.26
C ILE C 207 8.04 4.74 28.76
N GLU D 2 -18.41 37.28 -12.96
CA GLU D 2 -18.53 36.72 -11.57
C GLU D 2 -19.46 35.49 -11.47
N LYS D 3 -18.91 34.30 -11.27
CA LYS D 3 -19.75 33.11 -11.15
C LYS D 3 -19.98 32.75 -9.71
N LYS D 4 -21.23 32.41 -9.39
CA LYS D 4 -21.62 32.01 -8.04
C LYS D 4 -21.26 30.51 -7.93
N VAL D 5 -20.30 30.21 -7.06
CA VAL D 5 -19.86 28.85 -6.85
C VAL D 5 -20.37 28.28 -5.53
N LEU D 6 -21.17 27.23 -5.62
CA LEU D 6 -21.64 26.56 -4.41
C LEU D 6 -20.76 25.34 -4.06
N LEU D 7 -20.18 25.32 -2.86
CA LEU D 7 -19.39 24.17 -2.40
C LEU D 7 -20.17 23.49 -1.28
N THR D 8 -20.10 22.15 -1.20
CA THR D 8 -20.75 21.46 -0.10
C THR D 8 -19.76 20.54 0.54
N GLY D 9 -19.96 20.25 1.83
CA GLY D 9 -19.09 19.37 2.58
C GLY D 9 -20.03 18.54 3.45
N PHE D 10 -19.60 17.36 3.85
CA PHE D 10 -20.44 16.48 4.65
C PHE D 10 -20.29 16.66 6.16
N ASP D 11 -21.29 16.22 6.91
CA ASP D 11 -21.20 16.31 8.34
C ASP D 11 -20.39 15.10 8.82
N PRO D 12 -19.94 15.13 10.10
CA PRO D 12 -19.14 14.02 10.66
C PRO D 12 -19.78 12.63 10.53
N PHE D 13 -18.98 11.63 10.19
CA PHE D 13 -19.50 10.30 9.99
C PHE D 13 -18.71 9.12 10.53
N GLY D 14 -19.49 8.10 10.87
CA GLY D 14 -18.99 6.82 11.34
C GLY D 14 -17.84 6.72 12.32
N GLY D 15 -17.88 7.49 13.39
CA GLY D 15 -16.80 7.42 14.36
C GLY D 15 -15.94 8.67 14.38
N GLU D 16 -15.80 9.32 13.23
CA GLU D 16 -15.01 10.53 13.16
C GLU D 16 -15.71 11.61 14.00
N THR D 17 -14.94 12.60 14.43
CA THR D 17 -15.47 13.69 15.24
C THR D 17 -15.52 14.90 14.32
N VAL D 18 -14.73 14.84 13.26
CA VAL D 18 -14.61 15.94 12.30
C VAL D 18 -14.72 15.52 10.85
N ASN D 19 -15.35 16.35 10.03
CA ASN D 19 -15.34 15.98 8.63
C ASN D 19 -14.63 17.11 7.93
N PRO D 20 -13.42 16.84 7.47
CA PRO D 20 -12.58 17.79 6.77
C PRO D 20 -13.18 18.35 5.50
N SER D 21 -14.11 17.61 4.89
CA SER D 21 -14.75 18.16 3.69
C SER D 21 -15.53 19.41 4.14
N TRP D 22 -16.27 19.35 5.25
CA TRP D 22 -17.01 20.53 5.73
C TRP D 22 -16.05 21.59 6.34
N GLU D 23 -15.09 21.17 7.16
CA GLU D 23 -14.18 22.17 7.77
C GLU D 23 -13.49 22.97 6.67
N ALA D 24 -13.09 22.30 5.59
CA ALA D 24 -12.43 23.03 4.52
C ALA D 24 -13.40 23.96 3.73
N VAL D 25 -14.53 23.45 3.25
CA VAL D 25 -15.41 24.36 2.49
C VAL D 25 -16.01 25.50 3.35
N LYS D 26 -16.23 25.22 4.63
CA LYS D 26 -16.78 26.23 5.54
C LYS D 26 -15.87 27.48 5.51
N ARG D 27 -14.56 27.24 5.49
CA ARG D 27 -13.60 28.35 5.46
C ARG D 27 -13.73 29.27 4.26
N LEU D 28 -14.34 28.75 3.19
CA LEU D 28 -14.43 29.55 1.94
C LEU D 28 -15.80 30.24 1.76
N ASN D 29 -16.70 30.00 2.69
CA ASN D 29 -18.01 30.61 2.58
C ASN D 29 -17.88 32.12 2.45
N GLY D 30 -18.40 32.70 1.38
CA GLY D 30 -18.34 34.14 1.28
C GLY D 30 -17.09 34.67 0.59
N ALA D 31 -16.13 33.79 0.31
CA ALA D 31 -14.90 34.24 -0.34
C ALA D 31 -15.13 34.67 -1.76
N ALA D 32 -14.39 35.68 -2.19
CA ALA D 32 -14.51 36.15 -3.57
C ALA D 32 -13.11 36.16 -4.14
N GLU D 33 -12.88 35.38 -5.20
CA GLU D 33 -11.55 35.45 -5.82
C GLU D 33 -11.65 35.40 -7.30
N GLY D 34 -11.14 36.44 -7.96
CA GLY D 34 -11.21 36.48 -9.40
C GLY D 34 -12.67 36.35 -9.78
N PRO D 35 -13.01 35.50 -10.77
CA PRO D 35 -14.38 35.31 -11.23
C PRO D 35 -15.27 34.49 -10.29
N ALA D 36 -14.75 34.11 -9.13
CA ALA D 36 -15.53 33.28 -8.22
C ALA D 36 -16.07 33.98 -7.02
N SER D 37 -17.34 33.76 -6.75
CA SER D 37 -17.99 34.27 -5.58
C SER D 37 -18.49 32.98 -4.93
N ILE D 38 -17.85 32.57 -3.84
CA ILE D 38 -18.16 31.30 -3.20
C ILE D 38 -19.10 31.28 -2.00
N VAL D 39 -19.95 30.25 -1.93
CA VAL D 39 -20.86 30.01 -0.82
C VAL D 39 -20.74 28.55 -0.44
N SER D 40 -20.89 28.24 0.82
CA SER D 40 -20.75 26.85 1.26
C SER D 40 -21.94 26.43 2.07
N GLU D 41 -22.34 25.15 1.93
CA GLU D 41 -23.42 24.56 2.70
C GLU D 41 -23.02 23.15 3.09
N GLN D 42 -23.47 22.74 4.26
CA GLN D 42 -23.18 21.41 4.76
C GLN D 42 -24.32 20.43 4.33
N VAL D 43 -23.96 19.19 4.13
CA VAL D 43 -24.92 18.16 3.74
C VAL D 43 -24.73 16.95 4.68
N PRO D 44 -25.82 16.32 5.09
CA PRO D 44 -25.75 15.17 5.99
C PRO D 44 -25.27 13.93 5.23
N THR D 45 -24.50 13.09 5.93
CA THR D 45 -23.98 11.87 5.32
C THR D 45 -25.12 10.88 5.47
N VAL D 46 -26.16 11.13 4.68
CA VAL D 46 -27.36 10.35 4.72
C VAL D 46 -27.88 10.19 3.28
N PHE D 47 -28.15 8.96 2.85
CA PHE D 47 -28.72 8.76 1.52
C PHE D 47 -30.11 9.47 1.43
N TYR D 48 -30.47 9.92 0.23
CA TYR D 48 -31.76 10.57 -0.07
C TYR D 48 -31.85 11.95 0.59
N LYS D 49 -31.65 12.02 1.91
CA LYS D 49 -31.71 13.33 2.57
C LYS D 49 -30.61 14.27 2.08
N SER D 50 -29.44 13.73 1.78
CA SER D 50 -28.35 14.55 1.31
C SER D 50 -28.78 15.28 0.01
N LEU D 51 -29.46 14.56 -0.88
CA LEU D 51 -29.90 15.13 -2.14
C LEU D 51 -30.97 16.21 -1.88
N ALA D 52 -31.81 16.02 -0.86
CA ALA D 52 -32.84 17.01 -0.52
C ALA D 52 -32.15 18.30 -0.06
N VAL D 53 -31.14 18.15 0.79
CA VAL D 53 -30.40 19.33 1.31
C VAL D 53 -29.68 20.04 0.15
N LEU D 54 -29.11 19.26 -0.78
CA LEU D 54 -28.44 19.92 -1.93
C LEU D 54 -29.41 20.73 -2.78
N ARG D 55 -30.58 20.16 -3.05
CA ARG D 55 -31.61 20.85 -3.87
C ARG D 55 -32.02 22.18 -3.21
N GLU D 56 -32.20 22.16 -1.90
CA GLU D 56 -32.54 23.40 -1.19
C GLU D 56 -31.40 24.41 -1.32
N ALA D 57 -30.16 23.94 -1.18
CA ALA D 57 -29.01 24.85 -1.30
C ALA D 57 -28.99 25.44 -2.68
N MET D 58 -29.29 24.63 -3.70
CA MET D 58 -29.29 25.11 -5.09
C MET D 58 -30.38 26.15 -5.28
N LYS D 59 -31.55 25.85 -4.73
CA LYS D 59 -32.72 26.75 -4.82
C LYS D 59 -32.34 28.08 -4.18
N LYS D 60 -31.76 28.01 -2.98
CA LYS D 60 -31.38 29.24 -2.28
C LYS D 60 -30.29 30.09 -2.96
N HIS D 61 -29.20 29.47 -3.38
CA HIS D 61 -28.10 30.21 -3.95
C HIS D 61 -28.07 30.43 -5.43
N GLN D 62 -28.85 29.65 -6.19
CA GLN D 62 -28.86 29.77 -7.66
C GLN D 62 -27.44 29.76 -8.18
N PRO D 63 -26.64 28.75 -7.80
CA PRO D 63 -25.25 28.75 -8.30
C PRO D 63 -25.07 28.52 -9.79
N ASP D 64 -23.96 29.02 -10.30
CA ASP D 64 -23.57 28.78 -11.69
C ASP D 64 -22.72 27.52 -11.69
N ILE D 65 -22.02 27.27 -10.58
CA ILE D 65 -21.13 26.13 -10.53
C ILE D 65 -21.33 25.49 -9.19
N ILE D 66 -21.27 24.16 -9.15
CA ILE D 66 -21.44 23.45 -7.89
C ILE D 66 -20.32 22.41 -7.75
N ILE D 67 -19.60 22.44 -6.61
CA ILE D 67 -18.58 21.42 -6.35
C ILE D 67 -18.89 20.77 -5.02
N CYS D 68 -19.32 19.51 -5.05
CA CYS D 68 -19.59 18.78 -3.81
C CYS D 68 -18.30 18.12 -3.38
N VAL D 69 -18.00 18.17 -2.09
CA VAL D 69 -16.73 17.64 -1.58
C VAL D 69 -16.98 16.58 -0.53
N GLY D 70 -16.15 15.54 -0.56
CA GLY D 70 -16.31 14.47 0.38
C GLY D 70 -14.96 13.88 0.73
N GLN D 71 -14.91 13.12 1.81
CA GLN D 71 -13.68 12.52 2.25
C GLN D 71 -13.44 11.12 1.70
N ALA D 72 -12.24 10.88 1.19
CA ALA D 72 -11.87 9.54 0.68
C ALA D 72 -10.64 9.09 1.50
N GLY D 73 -10.89 8.55 2.69
CA GLY D 73 -9.79 8.12 3.54
C GLY D 73 -8.90 7.10 2.86
N GLY D 74 -7.60 7.35 2.87
CA GLY D 74 -6.69 6.40 2.24
C GLY D 74 -6.06 7.00 0.99
N ARG D 75 -6.72 7.98 0.35
CA ARG D 75 -6.14 8.59 -0.83
C ARG D 75 -5.04 9.60 -0.39
N MET D 76 -4.12 9.89 -1.29
CA MET D 76 -3.01 10.78 -0.96
C MET D 76 -2.91 12.00 -1.84
N GLN D 77 -4.00 12.31 -2.55
CA GLN D 77 -4.05 13.45 -3.47
C GLN D 77 -5.46 14.05 -3.41
N ILE D 78 -5.59 15.30 -3.85
CA ILE D 78 -6.93 15.88 -3.97
C ILE D 78 -7.42 15.17 -5.27
N THR D 79 -8.61 14.57 -5.27
CA THR D 79 -9.06 13.89 -6.48
C THR D 79 -10.45 14.24 -7.04
N PRO D 80 -10.50 15.10 -8.08
CA PRO D 80 -11.77 15.48 -8.73
C PRO D 80 -12.24 14.18 -9.41
N GLU D 81 -13.53 13.89 -9.34
CA GLU D 81 -14.07 12.64 -9.89
C GLU D 81 -14.58 12.78 -11.32
N ARG D 82 -14.25 11.82 -12.19
CA ARG D 82 -14.72 11.92 -13.57
C ARG D 82 -16.17 11.42 -13.79
N VAL D 83 -16.56 10.40 -13.02
CA VAL D 83 -17.83 9.80 -13.32
C VAL D 83 -18.61 9.33 -12.12
N ALA D 84 -19.92 9.57 -12.15
CA ALA D 84 -20.84 9.16 -11.09
C ALA D 84 -21.64 7.98 -11.60
N ILE D 85 -21.88 6.96 -10.75
CA ILE D 85 -22.67 5.83 -11.22
C ILE D 85 -24.00 5.71 -10.46
N ASN D 86 -24.99 5.12 -11.13
CA ASN D 86 -26.34 4.99 -10.64
C ASN D 86 -26.49 3.80 -9.69
N LEU D 87 -25.86 3.86 -8.52
CA LEU D 87 -25.93 2.74 -7.64
C LEU D 87 -25.65 3.12 -6.20
N ASN D 88 -26.50 2.64 -5.29
CA ASN D 88 -26.30 2.84 -3.85
C ASN D 88 -25.91 1.43 -3.41
N GLU D 89 -24.68 1.23 -2.99
CA GLU D 89 -24.22 -0.09 -2.50
C GLU D 89 -23.42 0.20 -1.21
N ALA D 90 -24.08 0.08 -0.06
CA ALA D 90 -23.48 0.41 1.25
C ALA D 90 -23.03 -0.78 2.07
N ARG D 91 -21.76 -0.80 2.44
CA ARG D 91 -21.22 -1.89 3.24
C ARG D 91 -21.42 -1.58 4.71
N ILE D 92 -21.74 -0.32 5.03
CA ILE D 92 -22.00 0.15 6.39
C ILE D 92 -23.16 1.12 6.24
N PRO D 93 -23.95 1.36 7.30
CA PRO D 93 -25.10 2.25 7.35
C PRO D 93 -24.72 3.72 7.28
N ASP D 94 -25.57 4.58 6.72
CA ASP D 94 -25.25 6.00 6.70
C ASP D 94 -25.55 6.52 8.11
N ASN D 95 -25.54 7.83 8.32
CA ASN D 95 -25.75 8.33 9.68
C ASN D 95 -27.14 8.14 10.24
N GLU D 96 -28.08 7.70 9.42
CA GLU D 96 -29.46 7.49 9.86
C GLU D 96 -29.87 6.02 9.72
N GLY D 97 -28.87 5.14 9.72
CA GLY D 97 -29.13 3.71 9.61
C GLY D 97 -29.47 3.13 8.26
N ASN D 98 -29.51 3.94 7.20
CA ASN D 98 -29.81 3.42 5.87
C ASN D 98 -28.61 2.66 5.31
N GLN D 99 -28.84 1.44 4.84
CA GLN D 99 -27.76 0.66 4.27
C GLN D 99 -28.27 0.05 2.98
N PRO D 100 -28.44 0.87 1.94
CA PRO D 100 -28.94 0.33 0.66
C PRO D 100 -27.97 -0.65 -0.02
N VAL D 101 -28.52 -1.69 -0.64
CA VAL D 101 -27.74 -2.69 -1.37
C VAL D 101 -28.35 -2.90 -2.76
N GLY D 102 -27.51 -2.85 -3.78
CA GLY D 102 -27.96 -3.07 -5.15
C GLY D 102 -29.09 -2.15 -5.56
N GLU D 103 -29.12 -0.94 -5.02
CA GLU D 103 -30.23 -0.01 -5.34
C GLU D 103 -29.92 1.11 -6.34
N ASP D 104 -30.82 1.33 -7.28
CA ASP D 104 -30.64 2.40 -8.27
C ASP D 104 -30.74 3.72 -7.52
N ILE D 105 -30.04 4.75 -7.97
CA ILE D 105 -30.18 6.07 -7.32
C ILE D 105 -31.38 6.69 -8.01
N SER D 106 -31.44 6.48 -9.33
CA SER D 106 -32.56 6.98 -10.12
C SER D 106 -33.11 5.89 -11.05
N GLN D 107 -34.34 5.51 -10.79
CA GLN D 107 -35.00 4.50 -11.56
C GLN D 107 -35.01 5.02 -12.98
N GLY D 108 -34.63 4.23 -13.95
CA GLY D 108 -34.70 4.90 -15.26
C GLY D 108 -33.70 6.06 -15.58
N GLY D 109 -32.77 6.35 -14.65
CA GLY D 109 -31.77 7.36 -14.97
C GLY D 109 -30.62 6.63 -15.68
N PRO D 110 -29.62 7.34 -16.20
CA PRO D 110 -28.56 6.55 -16.86
C PRO D 110 -27.62 5.82 -15.91
N ALA D 111 -26.91 4.81 -16.43
CA ALA D 111 -25.91 4.05 -15.63
C ALA D 111 -24.91 5.00 -14.98
N ALA D 112 -24.51 6.06 -15.70
CA ALA D 112 -23.56 7.05 -15.16
C ALA D 112 -23.76 8.43 -15.74
N TYR D 113 -23.19 9.42 -15.04
CA TYR D 113 -23.12 10.79 -15.52
C TYR D 113 -21.66 11.21 -15.43
N TRP D 114 -21.18 11.93 -16.43
CA TRP D 114 -19.82 12.46 -16.40
C TRP D 114 -19.85 13.74 -15.57
N THR D 115 -18.70 14.12 -15.00
CA THR D 115 -18.64 15.39 -14.28
C THR D 115 -18.81 16.55 -15.29
N GLY D 116 -19.29 17.69 -14.81
CA GLY D 116 -19.46 18.86 -15.67
C GLY D 116 -18.36 19.89 -15.40
N LEU D 117 -17.39 19.57 -14.53
CA LEU D 117 -16.28 20.50 -14.19
C LEU D 117 -15.06 20.23 -15.08
N PRO D 118 -14.19 21.23 -15.29
CA PRO D 118 -12.96 21.07 -16.10
C PRO D 118 -11.92 20.48 -15.13
N ILE D 119 -12.05 19.19 -14.85
CA ILE D 119 -11.17 18.59 -13.86
C ILE D 119 -9.71 18.44 -14.19
N LYS D 120 -9.35 18.35 -15.46
CA LYS D 120 -7.92 18.27 -15.76
C LYS D 120 -7.27 19.63 -15.45
N ARG D 121 -7.96 20.71 -15.80
CA ARG D 121 -7.48 22.06 -15.49
C ARG D 121 -7.31 22.17 -13.97
N ILE D 122 -8.34 21.76 -13.24
CA ILE D 122 -8.29 21.84 -11.79
C ILE D 122 -7.06 21.07 -11.25
N VAL D 123 -6.87 19.84 -11.68
CA VAL D 123 -5.74 19.06 -11.20
C VAL D 123 -4.43 19.82 -11.47
N GLU D 124 -4.28 20.37 -12.67
CA GLU D 124 -3.03 21.05 -12.97
C GLU D 124 -2.82 22.30 -12.16
N GLU D 125 -3.89 23.06 -11.93
CA GLU D 125 -3.73 24.28 -11.15
C GLU D 125 -3.42 23.92 -9.70
N ILE D 126 -3.96 22.82 -9.22
CA ILE D 126 -3.68 22.42 -7.83
C ILE D 126 -2.22 21.99 -7.73
N LYS D 127 -1.74 21.21 -8.69
CA LYS D 127 -0.33 20.79 -8.66
C LYS D 127 0.62 21.98 -8.85
N LYS D 128 0.22 22.98 -9.64
CA LYS D 128 1.10 24.15 -9.80
C LYS D 128 1.35 24.82 -8.46
N GLU D 129 0.41 24.66 -7.54
CA GLU D 129 0.57 25.25 -6.21
C GLU D 129 1.27 24.29 -5.23
N GLY D 130 1.87 23.22 -5.74
CA GLY D 130 2.61 22.29 -4.87
C GLY D 130 1.77 21.26 -4.11
N ILE D 131 0.51 21.08 -4.52
CA ILE D 131 -0.37 20.14 -3.83
C ILE D 131 -0.70 18.98 -4.77
N PRO D 132 -0.51 17.71 -4.32
CA PRO D 132 -0.78 16.53 -5.15
C PRO D 132 -2.28 16.39 -5.53
N ALA D 133 -2.53 16.07 -6.79
CA ALA D 133 -3.91 15.94 -7.30
C ALA D 133 -3.89 14.99 -8.50
N ALA D 134 -5.01 14.34 -8.73
CA ALA D 134 -5.17 13.43 -9.86
C ALA D 134 -6.66 13.18 -10.07
N VAL D 135 -7.02 12.84 -11.30
CA VAL D 135 -8.43 12.54 -11.63
C VAL D 135 -8.66 11.15 -11.07
N SER D 136 -9.86 10.91 -10.54
CA SER D 136 -10.25 9.60 -10.04
C SER D 136 -11.40 9.10 -10.94
N TYR D 137 -11.50 7.79 -11.14
CA TYR D 137 -12.55 7.23 -12.00
C TYR D 137 -13.60 6.44 -11.25
N THR D 138 -13.54 6.49 -9.92
CA THR D 138 -14.59 5.88 -9.13
C THR D 138 -14.76 6.67 -7.86
N ALA D 139 -15.99 7.12 -7.63
CA ALA D 139 -16.32 7.91 -6.44
C ALA D 139 -16.88 6.99 -5.38
N GLY D 140 -16.78 5.67 -5.59
CA GLY D 140 -17.36 4.73 -4.65
C GLY D 140 -18.85 4.54 -4.88
N THR D 141 -19.51 3.93 -3.89
CA THR D 141 -20.94 3.59 -4.00
C THR D 141 -21.67 3.95 -2.71
N PHE D 142 -21.05 4.82 -1.92
CA PHE D 142 -21.63 5.24 -0.67
C PHE D 142 -22.30 6.60 -0.86
N VAL D 143 -22.40 7.38 0.22
CA VAL D 143 -23.12 8.64 0.14
C VAL D 143 -22.45 9.67 -0.79
N CYS D 144 -21.12 9.63 -0.89
CA CYS D 144 -20.43 10.59 -1.76
C CYS D 144 -20.80 10.39 -3.23
N ASN D 145 -20.70 9.17 -3.75
CA ASN D 145 -21.08 8.94 -5.15
C ASN D 145 -22.58 9.29 -5.34
N HIS D 146 -23.37 8.95 -4.34
CA HIS D 146 -24.84 9.21 -4.36
C HIS D 146 -25.08 10.70 -4.57
N LEU D 147 -24.41 11.53 -3.78
CA LEU D 147 -24.58 12.98 -3.92
C LEU D 147 -24.10 13.47 -5.29
N PHE D 148 -23.00 12.89 -5.79
CA PHE D 148 -22.43 13.27 -7.10
C PHE D 148 -23.46 12.91 -8.21
N TYR D 149 -23.95 11.67 -8.18
CA TYR D 149 -24.92 11.24 -9.20
C TYR D 149 -26.17 12.08 -9.08
N GLY D 150 -26.67 12.29 -7.86
CA GLY D 150 -27.88 13.11 -7.69
C GLY D 150 -27.72 14.53 -8.22
N LEU D 151 -26.53 15.09 -8.01
CA LEU D 151 -26.23 16.46 -8.47
C LEU D 151 -26.30 16.50 -10.01
N MET D 152 -25.62 15.55 -10.65
CA MET D 152 -25.62 15.51 -12.10
C MET D 152 -27.01 15.25 -12.67
N ASP D 153 -27.79 14.42 -11.98
CA ASP D 153 -29.13 14.11 -12.44
C ASP D 153 -29.98 15.38 -12.29
N GLU D 154 -29.75 16.16 -11.24
CA GLU D 154 -30.50 17.42 -11.03
C GLU D 154 -30.17 18.41 -12.12
N ILE D 155 -28.87 18.51 -12.39
CA ILE D 155 -28.39 19.39 -13.41
C ILE D 155 -29.00 19.00 -14.75
N SER D 156 -28.93 17.71 -15.06
CA SER D 156 -29.50 17.19 -16.30
C SER D 156 -30.97 17.55 -16.47
N ARG D 157 -31.72 17.26 -15.41
CA ARG D 157 -33.16 17.45 -15.26
C ARG D 157 -33.71 18.84 -15.25
N HIS D 158 -33.08 19.68 -14.44
CA HIS D 158 -33.55 21.04 -14.20
C HIS D 158 -32.67 22.25 -14.59
N HIS D 159 -31.35 22.12 -14.52
CA HIS D 159 -30.49 23.26 -14.81
C HIS D 159 -29.26 22.85 -15.59
N PRO D 160 -29.43 22.57 -16.87
CA PRO D 160 -28.32 22.14 -17.74
C PRO D 160 -27.15 23.13 -17.98
N HIS D 161 -27.32 24.41 -17.67
CA HIS D 161 -26.25 25.37 -17.87
C HIS D 161 -25.28 25.35 -16.69
N ILE D 162 -25.74 24.76 -15.58
CA ILE D 162 -24.91 24.68 -14.41
C ILE D 162 -23.75 23.73 -14.64
N ARG D 163 -22.58 24.07 -14.16
CA ARG D 163 -21.43 23.19 -14.26
C ARG D 163 -21.17 22.59 -12.88
N GLY D 164 -21.37 21.29 -12.75
CA GLY D 164 -21.19 20.69 -11.45
C GLY D 164 -20.35 19.42 -11.44
N GLY D 165 -19.92 19.02 -10.26
CA GLY D 165 -19.15 17.80 -10.12
C GLY D 165 -18.77 17.55 -8.68
N PHE D 166 -17.86 16.60 -8.47
CA PHE D 166 -17.46 16.20 -7.14
C PHE D 166 -15.94 16.13 -6.99
N ILE D 167 -15.46 16.40 -5.80
CA ILE D 167 -14.04 16.30 -5.50
C ILE D 167 -13.86 15.59 -4.16
N HIS D 168 -13.13 14.48 -4.17
CA HIS D 168 -12.83 13.79 -2.93
C HIS D 168 -11.50 14.36 -2.43
N ILE D 169 -11.31 14.28 -1.11
CA ILE D 169 -10.08 14.77 -0.48
C ILE D 169 -9.62 13.72 0.53
N PRO D 170 -8.34 13.77 0.89
CA PRO D 170 -7.79 12.80 1.85
C PRO D 170 -8.18 13.12 3.30
N TYR D 171 -7.75 12.24 4.18
CA TYR D 171 -7.86 12.48 5.61
C TYR D 171 -6.98 13.69 5.93
N ILE D 172 -7.23 14.35 7.06
CA ILE D 172 -6.30 15.38 7.53
C ILE D 172 -5.49 14.59 8.57
N PRO D 173 -4.26 15.03 8.88
CA PRO D 173 -3.35 14.37 9.84
C PRO D 173 -3.94 13.88 11.15
N GLU D 174 -4.74 14.73 11.79
CA GLU D 174 -5.28 14.35 13.08
C GLU D 174 -6.25 13.17 13.02
N GLN D 175 -6.70 12.78 11.81
CA GLN D 175 -7.55 11.58 11.71
C GLN D 175 -6.67 10.35 11.57
N THR D 176 -5.34 10.52 11.51
CA THR D 176 -4.51 9.34 11.28
C THR D 176 -3.53 9.03 12.42
N LEU D 177 -3.93 9.32 13.66
CA LEU D 177 -3.04 9.14 14.80
C LEU D 177 -3.03 7.73 15.38
N GLN D 178 -4.13 7.01 15.20
CA GLN D 178 -4.24 5.68 15.77
C GLN D 178 -3.99 4.56 14.78
N LYS D 179 -4.26 4.81 13.51
CA LYS D 179 -4.03 3.83 12.44
C LYS D 179 -3.33 4.64 11.34
N SER D 180 -2.18 4.18 10.87
CA SER D 180 -1.45 4.93 9.86
C SER D 180 -2.17 5.02 8.53
N ALA D 181 -2.17 6.21 7.94
CA ALA D 181 -2.82 6.40 6.65
C ALA D 181 -2.31 7.73 6.13
N PRO D 182 -2.34 7.93 4.80
CA PRO D 182 -1.88 9.18 4.19
C PRO D 182 -2.84 10.30 4.56
N SER D 183 -2.39 11.54 4.52
CA SER D 183 -3.28 12.68 4.82
C SER D 183 -2.71 13.90 4.10
N LEU D 184 -3.43 15.02 4.09
CA LEU D 184 -2.95 16.30 3.53
C LEU D 184 -3.43 17.30 4.61
N SER D 185 -2.72 18.38 4.83
CA SER D 185 -3.16 19.26 5.89
C SER D 185 -4.45 20.00 5.52
N LEU D 186 -5.24 20.37 6.55
CA LEU D 186 -6.46 21.08 6.30
C LEU D 186 -6.20 22.38 5.54
N ASP D 187 -5.08 23.08 5.82
CA ASP D 187 -4.76 24.30 5.07
C ASP D 187 -4.53 23.96 3.61
N HIS D 188 -3.84 22.86 3.33
CA HIS D 188 -3.59 22.55 1.92
C HIS D 188 -4.87 22.13 1.19
N ILE D 189 -5.74 21.41 1.87
CA ILE D 189 -7.00 20.94 1.26
C ILE D 189 -7.84 22.18 0.98
N THR D 190 -7.86 23.12 1.93
CA THR D 190 -8.63 24.33 1.73
C THR D 190 -8.14 25.12 0.55
N LYS D 191 -6.81 25.27 0.45
CA LYS D 191 -6.26 26.02 -0.67
C LYS D 191 -6.60 25.34 -2.02
N ALA D 192 -6.51 24.01 -2.04
CA ALA D 192 -6.79 23.24 -3.25
C ALA D 192 -8.24 23.43 -3.70
N LEU D 193 -9.18 23.37 -2.76
CA LEU D 193 -10.59 23.54 -3.08
C LEU D 193 -10.84 24.98 -3.60
N LYS D 194 -10.16 25.96 -3.00
CA LYS D 194 -10.34 27.35 -3.44
C LYS D 194 -9.81 27.46 -4.91
N ILE D 195 -8.67 26.85 -5.18
CA ILE D 195 -8.14 26.83 -6.55
C ILE D 195 -9.17 26.15 -7.49
N ALA D 196 -9.79 25.04 -7.03
CA ALA D 196 -10.78 24.33 -7.87
C ALA D 196 -11.93 25.30 -8.19
N ALA D 197 -12.39 26.00 -7.18
CA ALA D 197 -13.50 26.95 -7.36
C ALA D 197 -13.18 28.06 -8.37
N VAL D 198 -12.02 28.68 -8.22
CA VAL D 198 -11.54 29.76 -9.09
C VAL D 198 -11.31 29.25 -10.50
N THR D 199 -10.74 28.07 -10.61
CA THR D 199 -10.47 27.50 -11.92
C THR D 199 -11.78 27.21 -12.69
N ALA D 200 -12.72 26.57 -12.01
CA ALA D 200 -13.99 26.26 -12.60
C ALA D 200 -14.73 27.56 -13.03
N ALA D 201 -14.60 28.62 -12.22
CA ALA D 201 -15.29 29.87 -12.52
C ALA D 201 -14.66 30.57 -13.69
N ALA D 202 -13.33 30.46 -13.80
CA ALA D 202 -12.59 31.09 -14.87
C ALA D 202 -12.68 30.34 -16.21
N HIS D 203 -12.98 29.04 -16.17
CA HIS D 203 -13.03 28.24 -17.40
C HIS D 203 -14.14 27.26 -17.48
N GLU D 204 -14.91 27.37 -18.55
CA GLU D 204 -16.03 26.52 -18.81
C GLU D 204 -15.56 25.19 -19.45
N ASP D 205 -14.56 25.30 -20.30
CA ASP D 205 -13.96 24.21 -21.05
C ASP D 205 -12.74 23.61 -20.33
N ASP D 206 -12.56 22.30 -20.41
CA ASP D 206 -11.39 21.67 -19.79
C ASP D 206 -10.23 21.72 -20.78
N ILE D 207 -9.02 21.35 -20.33
CA ILE D 207 -7.85 21.31 -21.19
C ILE D 207 -7.68 19.87 -21.64
#